data_9HXO
#
_entry.id   9HXO
#
_cell.length_a   76.947
_cell.length_b   82.653
_cell.length_c   98.190
_cell.angle_alpha   90.000
_cell.angle_beta   90.000
_cell.angle_gamma   90.000
#
_symmetry.space_group_name_H-M   'P 21 21 21'
#
loop_
_entity.id
_entity.type
_entity.pdbx_description
1 polymer Alpha-cobratoxin
2 polymer 'light chain'
3 polymer 'heavy chain'
4 non-polymer 'CHLORIDE ION'
5 non-polymer GLYCEROL
6 non-polymer 2-AMINO-2-HYDROXYMETHYL-PROPANE-1,3-DIOL
7 non-polymer 'SULFATE ION'
8 non-polymer 'SODIUM ION'
9 water water
#
loop_
_entity_poly.entity_id
_entity_poly.type
_entity_poly.pdbx_seq_one_letter_code
_entity_poly.pdbx_strand_id
1 'polypeptide(L)' IRCFITPDITSKDCPNGHVCYTKTWCDAFCSIRGKRVDLGCAATCPTVKTGVDIQCCSTDNCNPFPTRKRP A,B
2 'polypeptide(L)'
;AQVQLVQSGAEVKKPGSSVKVSCKASGGTFSSYAISWVRQAPGQGLEWMGGIIPIFGTANYAQKFQGRVTITADESTSTA
YMELRSLRSDDTAVYYCARDNLGYCSGGSCYSDYYYYYMDVWGQGTLVTVSSGGGGSGGGGSGG
;
I,C
3 'polypeptide(L)'
;GASSYELTQPPSVSVAPGRTATITCEGDNIGQQIVHWYQQKPGQAPVAVISSDSDRPSGIPERFSGSNSGNTATLTISRV
EAGDEADYYCQVWDSGSDHVVFGGGTKVTVLENLYFQ
;
M,D
#
loop_
_chem_comp.id
_chem_comp.type
_chem_comp.name
_chem_comp.formula
CL non-polymer 'CHLORIDE ION' 'Cl -1'
GOL non-polymer GLYCEROL 'C3 H8 O3'
NA non-polymer 'SODIUM ION' 'Na 1'
SO4 non-polymer 'SULFATE ION' 'O4 S -2'
TRS non-polymer 2-AMINO-2-HYDROXYMETHYL-PROPANE-1,3-DIOL 'C4 H12 N O3 1'
#
# COMPACT_ATOMS: atom_id res chain seq x y z
N ILE A 1 30.98 13.65 -5.28
CA ILE A 1 30.10 12.89 -4.35
C ILE A 1 29.60 11.62 -5.03
N ARG A 2 29.42 10.57 -4.25
CA ARG A 2 28.87 9.32 -4.75
C ARG A 2 27.42 9.20 -4.31
N CYS A 3 26.56 8.80 -5.24
CA CYS A 3 25.13 8.73 -4.99
C CYS A 3 24.55 7.53 -5.73
N PHE A 4 23.46 6.99 -5.21
CA PHE A 4 22.71 6.00 -5.97
C PHE A 4 21.97 6.70 -7.08
N ILE A 5 21.83 5.99 -8.21
CA ILE A 5 21.22 6.55 -9.41
C ILE A 5 20.19 5.56 -9.93
N THR A 6 18.95 6.07 -10.25
CA THR A 6 17.96 5.29 -10.98
C THR A 6 18.14 5.52 -12.48
N PRO A 7 17.78 4.55 -13.33
CA PRO A 7 17.09 3.30 -13.00
C PRO A 7 17.99 2.13 -12.65
N ASP A 8 19.31 2.25 -12.71
CA ASP A 8 20.16 1.12 -12.34
C ASP A 8 20.14 0.87 -10.84
N ILE A 9 19.88 1.90 -10.04
CA ILE A 9 19.87 1.78 -8.58
C ILE A 9 21.26 1.40 -8.10
N THR A 10 22.28 1.89 -8.79
CA THR A 10 23.67 1.65 -8.44
C THR A 10 24.31 2.95 -8.01
N SER A 11 25.35 2.84 -7.18
CA SER A 11 26.13 3.98 -6.75
C SER A 11 27.09 4.38 -7.87
N LYS A 12 27.04 5.65 -8.24
CA LYS A 12 27.92 6.19 -9.26
C LYS A 12 28.70 7.35 -8.65
N ASP A 13 29.88 7.59 -9.19
CA ASP A 13 30.66 8.75 -8.79
C ASP A 13 30.20 9.93 -9.62
N CYS A 14 29.81 11.00 -8.95
CA CYS A 14 29.49 12.26 -9.63
C CYS A 14 30.60 13.24 -9.30
N PRO A 15 31.71 13.19 -10.05
CA PRO A 15 32.90 13.95 -9.62
C PRO A 15 32.63 15.43 -9.45
N ASN A 16 31.64 15.98 -10.17
CA ASN A 16 31.30 17.40 -10.07
C ASN A 16 30.00 17.63 -9.32
N GLY A 17 29.44 16.58 -8.69
CA GLY A 17 28.23 16.74 -7.91
C GLY A 17 28.53 16.96 -6.44
N HIS A 18 27.60 17.66 -5.77
N HIS A 18 27.61 17.68 -5.77
CA HIS A 18 27.76 18.02 -4.37
CA HIS A 18 27.77 18.00 -4.36
C HIS A 18 26.69 17.43 -3.46
C HIS A 18 26.72 17.35 -3.46
N VAL A 19 25.53 17.04 -3.98
CA VAL A 19 24.48 16.42 -3.19
C VAL A 19 23.91 15.21 -3.91
N CYS A 20 23.24 14.36 -3.14
CA CYS A 20 22.37 13.31 -3.66
C CYS A 20 20.93 13.71 -3.39
N TYR A 21 20.02 13.18 -4.19
CA TYR A 21 18.61 13.52 -4.06
C TYR A 21 17.74 12.30 -4.23
N THR A 22 16.55 12.37 -3.61
CA THR A 22 15.52 11.33 -3.69
C THR A 22 14.22 12.03 -4.04
N LYS A 23 13.79 11.92 -5.30
CA LYS A 23 12.52 12.46 -5.76
C LYS A 23 11.49 11.34 -5.77
N THR A 24 10.33 11.58 -5.14
CA THR A 24 9.26 10.60 -5.10
C THR A 24 7.93 11.26 -5.44
N TRP A 25 7.06 10.48 -6.08
CA TRP A 25 5.74 10.95 -6.45
C TRP A 25 4.90 9.74 -6.79
N CYS A 26 3.59 9.95 -6.87
CA CYS A 26 2.65 8.91 -7.22
C CYS A 26 2.25 9.06 -8.68
N ASP A 27 2.29 7.95 -9.43
CA ASP A 27 1.60 7.82 -10.70
C ASP A 27 0.31 7.03 -10.45
N ALA A 28 -0.37 6.64 -11.54
CA ALA A 28 -1.66 5.97 -11.37
C ALA A 28 -1.54 4.64 -10.65
N PHE A 29 -0.33 4.09 -10.57
CA PHE A 29 -0.11 2.78 -9.96
C PHE A 29 0.49 2.88 -8.57
N CYS A 30 0.40 4.06 -7.94
CA CYS A 30 1.08 4.29 -6.68
C CYS A 30 0.54 3.41 -5.56
N SER A 31 -0.73 3.04 -5.62
CA SER A 31 -1.29 2.23 -4.54
C SER A 31 -0.71 0.83 -4.54
N ILE A 32 -0.52 0.24 -5.72
CA ILE A 32 -0.06 -1.14 -5.80
C ILE A 32 1.46 -1.29 -5.88
N ARG A 33 2.16 -0.31 -6.47
CA ARG A 33 3.61 -0.37 -6.66
C ARG A 33 4.36 0.70 -5.86
N GLY A 34 3.67 1.45 -5.01
CA GLY A 34 4.30 2.49 -4.23
C GLY A 34 4.69 3.69 -5.09
N LYS A 35 5.30 4.67 -4.43
CA LYS A 35 5.74 5.85 -5.16
C LYS A 35 6.82 5.51 -6.16
N ARG A 36 6.83 6.25 -7.27
CA ARG A 36 7.99 6.26 -8.14
C ARG A 36 9.14 6.99 -7.44
N VAL A 37 10.35 6.52 -7.70
CA VAL A 37 11.56 7.03 -7.08
C VAL A 37 12.57 7.36 -8.16
N ASP A 38 13.06 8.60 -8.15
CA ASP A 38 14.19 9.02 -8.96
C ASP A 38 15.33 9.37 -8.02
N LEU A 39 16.43 8.62 -8.10
CA LEU A 39 17.64 8.86 -7.32
C LEU A 39 18.70 9.43 -8.24
N GLY A 40 19.44 10.41 -7.74
CA GLY A 40 20.50 10.98 -8.54
C GLY A 40 21.37 11.91 -7.73
N CYS A 41 22.23 12.62 -8.45
CA CYS A 41 23.18 13.56 -7.87
C CYS A 41 23.11 14.87 -8.64
N ALA A 42 23.50 15.95 -7.96
CA ALA A 42 23.44 17.28 -8.56
C ALA A 42 24.39 18.19 -7.81
N ALA A 43 24.82 19.25 -8.50
CA ALA A 43 25.65 20.27 -7.85
C ALA A 43 24.87 21.00 -6.76
N THR A 44 23.54 21.04 -6.87
CA THR A 44 22.68 21.62 -5.85
C THR A 44 21.40 20.81 -5.78
N CYS A 45 20.65 20.99 -4.70
CA CYS A 45 19.41 20.26 -4.54
C CYS A 45 18.42 20.70 -5.60
N PRO A 46 17.99 19.82 -6.51
CA PRO A 46 17.08 20.24 -7.57
C PRO A 46 15.72 20.65 -7.01
N THR A 47 14.93 21.26 -7.88
CA THR A 47 13.58 21.72 -7.55
C THR A 47 12.56 20.76 -8.14
N VAL A 48 11.43 20.61 -7.44
CA VAL A 48 10.37 19.72 -7.90
C VAL A 48 9.04 20.45 -7.87
N LYS A 49 8.13 20.03 -8.75
CA LYS A 49 6.83 20.65 -8.87
C LYS A 49 5.89 20.12 -7.78
N THR A 50 4.72 20.73 -7.69
CA THR A 50 3.77 20.36 -6.65
C THR A 50 3.38 18.89 -6.78
N GLY A 51 3.11 18.27 -5.63
CA GLY A 51 2.83 16.86 -5.58
C GLY A 51 4.05 15.97 -5.63
N VAL A 52 5.24 16.53 -5.84
CA VAL A 52 6.49 15.79 -5.87
C VAL A 52 7.30 16.18 -4.65
N ASP A 53 7.91 15.19 -4.01
CA ASP A 53 8.73 15.40 -2.85
C ASP A 53 10.19 15.16 -3.20
N ILE A 54 11.08 15.92 -2.57
CA ILE A 54 12.52 15.73 -2.76
C ILE A 54 13.21 15.93 -1.42
N GLN A 55 14.10 14.99 -1.08
CA GLN A 55 14.93 15.09 0.12
C GLN A 55 16.38 14.97 -0.34
N CYS A 56 17.19 15.97 -0.01
CA CYS A 56 18.58 16.04 -0.43
C CYS A 56 19.49 15.79 0.77
N CYS A 57 20.68 15.29 0.48
CA CYS A 57 21.66 14.97 1.50
C CYS A 57 23.04 15.14 0.88
N SER A 58 24.05 15.26 1.74
CA SER A 58 25.39 15.67 1.31
C SER A 58 26.46 14.76 1.85
N THR A 59 26.26 13.45 1.78
CA THR A 59 27.30 12.48 2.09
C THR A 59 27.20 11.32 1.12
N ASP A 60 28.31 10.62 0.91
CA ASP A 60 28.35 9.57 -0.09
C ASP A 60 27.27 8.52 0.18
N ASN A 61 26.47 8.22 -0.84
CA ASN A 61 25.50 7.13 -0.81
C ASN A 61 24.43 7.34 0.26
N CYS A 62 24.04 8.59 0.48
CA CYS A 62 23.06 8.94 1.49
C CYS A 62 21.63 8.88 0.97
N ASN A 63 21.43 8.48 -0.28
CA ASN A 63 20.11 8.36 -0.89
C ASN A 63 19.83 6.91 -1.28
N PRO A 64 19.92 5.98 -0.35
CA PRO A 64 19.60 4.59 -0.68
C PRO A 64 18.17 4.48 -1.20
N PHE A 65 17.94 3.52 -2.07
CA PHE A 65 16.62 3.37 -2.67
C PHE A 65 15.61 3.03 -1.58
N PRO A 66 14.59 3.85 -1.39
CA PRO A 66 13.61 3.56 -0.32
C PRO A 66 12.50 2.66 -0.85
N THR A 67 12.55 1.38 -0.50
CA THR A 67 11.43 0.50 -0.81
C THR A 67 10.31 0.74 0.20
N ARG A 68 9.11 0.29 -0.17
CA ARG A 68 7.97 0.40 0.72
C ARG A 68 8.00 -0.77 1.69
N LYS A 69 7.78 -0.47 2.97
CA LYS A 69 7.73 -1.50 4.00
C LYS A 69 6.45 -2.30 3.84
N ARG A 70 6.59 -3.62 3.70
CA ARG A 70 5.47 -4.49 3.41
C ARG A 70 4.85 -4.96 4.71
N PRO A 71 3.61 -4.54 5.04
CA PRO A 71 2.99 -4.95 6.31
C PRO A 71 2.80 -6.45 6.39
N ILE B 1 -32.14 4.94 -10.57
CA ILE B 1 -31.26 3.89 -9.98
C ILE B 1 -30.86 4.36 -8.59
N ARG B 2 -30.58 3.41 -7.70
CA ARG B 2 -30.02 3.71 -6.39
C ARG B 2 -28.51 3.45 -6.43
N CYS B 3 -27.74 4.39 -5.90
CA CYS B 3 -26.29 4.32 -5.94
C CYS B 3 -25.71 4.83 -4.62
N PHE B 4 -24.58 4.26 -4.22
CA PHE B 4 -23.79 4.86 -3.15
C PHE B 4 -23.14 6.14 -3.66
N ILE B 5 -23.04 7.13 -2.79
CA ILE B 5 -22.53 8.45 -3.13
C ILE B 5 -21.47 8.86 -2.12
N THR B 6 -20.31 9.43 -2.63
CA THR B 6 -19.33 10.07 -1.77
C THR B 6 -19.62 11.56 -1.69
N PRO B 7 -19.22 12.22 -0.59
CA PRO B 7 -18.43 11.69 0.54
C PRO B 7 -19.21 11.04 1.67
N ASP B 8 -20.55 11.02 1.65
CA ASP B 8 -21.27 10.41 2.76
C ASP B 8 -21.15 8.89 2.74
N ILE B 9 -20.92 8.29 1.57
CA ILE B 9 -20.87 6.85 1.35
C ILE B 9 -22.21 6.22 1.71
N THR B 10 -23.28 6.97 1.46
CA THR B 10 -24.65 6.52 1.66
C THR B 10 -25.33 6.33 0.31
N SER B 11 -26.36 5.48 0.30
CA SER B 11 -27.11 5.20 -0.90
C SER B 11 -28.25 6.19 -1.05
N LYS B 12 -28.53 6.57 -2.30
CA LYS B 12 -29.68 7.41 -2.55
C LYS B 12 -30.23 7.10 -3.94
N ASP B 13 -31.50 7.43 -4.13
CA ASP B 13 -32.19 7.17 -5.39
C ASP B 13 -31.85 8.26 -6.39
N CYS B 14 -31.53 7.86 -7.61
CA CYS B 14 -31.30 8.76 -8.74
C CYS B 14 -32.32 8.37 -9.81
N PRO B 15 -33.54 8.90 -9.74
CA PRO B 15 -34.58 8.45 -10.69
C PRO B 15 -34.24 8.73 -12.14
N ASN B 16 -33.51 9.81 -12.42
CA ASN B 16 -33.10 10.14 -13.77
C ASN B 16 -31.81 9.44 -14.20
N GLY B 17 -31.05 8.89 -13.26
CA GLY B 17 -29.86 8.16 -13.61
C GLY B 17 -30.12 6.71 -13.96
N HIS B 18 -29.21 6.13 -14.74
CA HIS B 18 -29.32 4.73 -15.14
C HIS B 18 -28.11 3.88 -14.79
N VAL B 19 -27.01 4.48 -14.36
CA VAL B 19 -25.84 3.73 -13.94
C VAL B 19 -25.31 4.33 -12.64
N CYS B 20 -24.68 3.49 -11.83
CA CYS B 20 -23.80 3.94 -10.77
C CYS B 20 -22.38 3.89 -11.31
N TYR B 21 -21.49 4.69 -10.70
CA TYR B 21 -20.10 4.73 -11.13
C TYR B 21 -19.18 4.73 -9.91
N THR B 22 -18.01 4.15 -10.10
CA THR B 22 -16.91 4.17 -9.15
C THR B 22 -15.71 4.75 -9.90
N LYS B 23 -15.29 5.94 -9.52
CA LYS B 23 -14.20 6.65 -10.18
C LYS B 23 -13.04 6.73 -9.20
N THR B 24 -11.86 6.26 -9.61
CA THR B 24 -10.72 6.17 -8.72
C THR B 24 -9.45 6.71 -9.39
N TRP B 25 -8.59 7.30 -8.58
CA TRP B 25 -7.33 7.86 -9.05
C TRP B 25 -6.40 8.01 -7.85
N CYS B 26 -5.13 8.28 -8.13
CA CYS B 26 -4.13 8.52 -7.08
C CYS B 26 -3.83 10.02 -6.97
N ASP B 27 -3.83 10.52 -5.74
CA ASP B 27 -3.22 11.80 -5.44
C ASP B 27 -1.84 11.53 -4.84
N ALA B 28 -1.21 12.55 -4.26
CA ALA B 28 0.14 12.37 -3.76
C ALA B 28 0.21 11.40 -2.57
N PHE B 29 -0.93 11.11 -1.93
CA PHE B 29 -0.97 10.25 -0.77
C PHE B 29 -1.46 8.85 -1.10
N CYS B 30 -1.44 8.47 -2.37
CA CYS B 30 -2.06 7.22 -2.79
C CYS B 30 -1.37 6.00 -2.19
N SER B 31 -0.07 6.08 -1.92
CA SER B 31 0.63 4.92 -1.38
C SER B 31 0.18 4.62 0.05
N ILE B 32 -0.05 5.65 0.85
CA ILE B 32 -0.36 5.46 2.27
C ILE B 32 -1.87 5.38 2.54
N ARG B 33 -2.68 6.08 1.76
CA ARG B 33 -4.12 6.13 1.96
C ARG B 33 -4.92 5.48 0.83
N GLY B 34 -4.26 4.86 -0.15
CA GLY B 34 -4.95 4.23 -1.26
C GLY B 34 -5.47 5.26 -2.25
N LYS B 35 -6.10 4.74 -3.30
CA LYS B 35 -6.72 5.60 -4.30
C LYS B 35 -7.86 6.39 -3.68
N ARG B 36 -8.04 7.62 -4.19
CA ARG B 36 -9.28 8.34 -3.92
C ARG B 36 -10.42 7.68 -4.68
N VAL B 37 -11.61 7.72 -4.07
CA VAL B 37 -12.80 7.09 -4.61
C VAL B 37 -13.92 8.12 -4.69
N ASP B 38 -14.53 8.22 -5.86
CA ASP B 38 -15.71 9.03 -6.09
C ASP B 38 -16.81 8.07 -6.52
N LEU B 39 -17.88 8.01 -5.73
CA LEU B 39 -19.05 7.20 -6.02
C LEU B 39 -20.20 8.14 -6.37
N GLY B 40 -20.97 7.76 -7.37
CA GLY B 40 -22.14 8.54 -7.72
C GLY B 40 -23.00 7.80 -8.72
N CYS B 41 -23.96 8.53 -9.26
CA CYS B 41 -24.88 8.01 -10.26
C CYS B 41 -24.92 8.96 -11.45
N ALA B 42 -25.32 8.43 -12.60
CA ALA B 42 -25.34 9.22 -13.82
C ALA B 42 -26.29 8.57 -14.82
N ALA B 43 -26.77 9.40 -15.75
CA ALA B 43 -27.61 8.88 -16.82
C ALA B 43 -26.83 7.96 -17.73
N THR B 44 -25.55 8.26 -17.96
CA THR B 44 -24.64 7.40 -18.70
C THR B 44 -23.30 7.41 -17.99
N CYS B 45 -22.45 6.46 -18.36
CA CYS B 45 -21.16 6.34 -17.70
C CYS B 45 -20.29 7.56 -18.00
N PRO B 46 -19.78 8.26 -16.99
CA PRO B 46 -18.95 9.44 -17.25
C PRO B 46 -17.66 9.08 -17.99
N THR B 47 -17.15 10.06 -18.74
CA THR B 47 -15.83 9.96 -19.36
C THR B 47 -14.81 10.59 -18.44
N VAL B 48 -13.71 9.89 -18.20
CA VAL B 48 -12.68 10.32 -17.27
C VAL B 48 -11.40 10.62 -18.04
N LYS B 49 -10.47 11.28 -17.37
CA LYS B 49 -9.22 11.68 -18.00
C LYS B 49 -8.16 10.61 -17.77
N THR B 50 -7.10 10.69 -18.57
CA THR B 50 -5.97 9.80 -18.42
C THR B 50 -5.52 9.78 -16.95
N GLY B 51 -5.19 8.58 -16.47
CA GLY B 51 -4.81 8.38 -15.09
C GLY B 51 -5.97 8.11 -14.15
N VAL B 52 -7.20 8.27 -14.61
CA VAL B 52 -8.40 8.04 -13.82
C VAL B 52 -9.09 6.81 -14.37
N ASP B 53 -9.60 5.97 -13.48
CA ASP B 53 -10.36 4.79 -13.86
C ASP B 53 -11.80 4.97 -13.43
N ILE B 54 -12.72 4.45 -14.24
CA ILE B 54 -14.14 4.50 -13.90
C ILE B 54 -14.78 3.17 -14.29
N GLN B 55 -15.59 2.62 -13.38
CA GLN B 55 -16.39 1.43 -13.63
C GLN B 55 -17.86 1.79 -13.39
N CYS B 56 -18.71 1.45 -14.35
CA CYS B 56 -20.13 1.71 -14.26
C CYS B 56 -20.90 0.41 -14.25
N CYS B 57 -22.04 0.44 -13.56
CA CYS B 57 -22.89 -0.74 -13.39
C CYS B 57 -24.33 -0.27 -13.30
N SER B 58 -25.27 -1.20 -13.51
CA SER B 58 -26.66 -0.82 -13.76
C SER B 58 -27.66 -1.56 -12.88
N THR B 59 -27.29 -1.86 -11.64
CA THR B 59 -28.23 -2.41 -10.68
C THR B 59 -28.08 -1.65 -9.37
N ASP B 60 -29.12 -1.70 -8.54
CA ASP B 60 -29.15 -0.88 -7.33
C ASP B 60 -27.95 -1.18 -6.45
N ASN B 61 -27.31 -0.12 -5.97
CA ASN B 61 -26.19 -0.21 -5.03
C ASN B 61 -25.06 -1.09 -5.54
N CYS B 62 -24.84 -1.07 -6.86
CA CYS B 62 -23.80 -1.89 -7.46
C CYS B 62 -22.41 -1.28 -7.36
N ASN B 63 -22.25 -0.15 -6.67
CA ASN B 63 -20.97 0.55 -6.57
C ASN B 63 -20.60 0.76 -5.10
N PRO B 64 -20.52 -0.32 -4.32
CA PRO B 64 -20.13 -0.17 -2.92
C PRO B 64 -18.71 0.38 -2.80
N PHE B 65 -18.47 1.10 -1.70
CA PHE B 65 -17.18 1.74 -1.50
C PHE B 65 -16.09 0.67 -1.49
N PRO B 66 -15.06 0.76 -2.33
CA PRO B 66 -14.03 -0.26 -2.33
C PRO B 66 -12.85 0.15 -1.45
N THR B 67 -12.71 -0.49 -0.30
CA THR B 67 -11.53 -0.21 0.52
C THR B 67 -10.35 -1.03 0.02
N ARG B 68 -9.16 -0.58 0.38
CA ARG B 68 -7.95 -1.31 0.04
C ARG B 68 -7.84 -2.51 0.98
N LYS B 69 -7.52 -3.67 0.42
CA LYS B 69 -7.28 -4.85 1.24
C LYS B 69 -5.94 -4.70 1.93
N ARG B 70 -5.94 -4.81 3.24
CA ARG B 70 -4.73 -4.61 4.03
C ARG B 70 -4.01 -5.94 4.16
N PRO B 71 -2.75 -6.05 3.71
CA PRO B 71 -2.08 -7.35 3.70
C PRO B 71 -1.91 -7.93 5.10
N GLN C 2 -9.55 28.51 13.27
CA GLN C 2 -9.02 27.12 13.20
C GLN C 2 -9.80 26.21 14.15
N VAL C 3 -9.96 24.95 13.76
CA VAL C 3 -10.70 24.02 14.60
C VAL C 3 -10.03 23.92 15.97
N GLN C 4 -10.83 23.60 16.98
CA GLN C 4 -10.33 23.43 18.34
C GLN C 4 -10.98 22.21 18.98
N LEU C 5 -10.26 21.60 19.91
CA LEU C 5 -10.72 20.42 20.63
C LEU C 5 -10.75 20.74 22.12
N VAL C 6 -11.91 20.58 22.74
CA VAL C 6 -12.12 20.89 24.14
C VAL C 6 -12.53 19.62 24.86
N GLN C 7 -11.77 19.27 25.90
CA GLN C 7 -11.96 18.02 26.61
C GLN C 7 -12.62 18.24 27.96
N SER C 8 -13.21 17.16 28.47
CA SER C 8 -13.86 17.20 29.78
C SER C 8 -12.81 17.35 30.88
N GLY C 9 -13.28 17.56 32.10
CA GLY C 9 -12.42 17.91 33.20
C GLY C 9 -11.82 16.72 33.91
N ALA C 10 -11.04 17.03 34.95
CA ALA C 10 -10.24 16.02 35.64
C ALA C 10 -11.12 14.93 36.22
N GLU C 11 -10.54 13.74 36.34
CA GLU C 11 -11.23 12.56 36.84
C GLU C 11 -10.38 11.95 37.95
N VAL C 12 -11.03 11.57 39.04
CA VAL C 12 -10.36 10.91 40.16
C VAL C 12 -11.04 9.57 40.34
N LYS C 13 -10.31 8.49 40.09
CA LYS C 13 -10.88 7.16 40.01
C LYS C 13 -10.17 6.20 40.96
N LYS C 14 -10.90 5.18 41.37
CA LYS C 14 -10.34 4.12 42.19
C LYS C 14 -9.92 2.96 41.31
N PRO C 15 -8.97 2.14 41.77
CA PRO C 15 -8.56 0.98 40.97
C PRO C 15 -9.76 0.09 40.67
N GLY C 16 -9.80 -0.42 39.44
CA GLY C 16 -10.85 -1.30 39.02
C GLY C 16 -12.03 -0.63 38.36
N SER C 17 -12.16 0.68 38.50
CA SER C 17 -13.28 1.39 37.92
C SER C 17 -12.94 1.77 36.48
N SER C 18 -13.71 2.68 35.89
CA SER C 18 -13.53 3.08 34.51
C SER C 18 -13.77 4.58 34.39
N VAL C 19 -13.28 5.15 33.29
CA VAL C 19 -13.40 6.58 33.04
C VAL C 19 -13.73 6.78 31.57
N LYS C 20 -14.47 7.86 31.28
CA LYS C 20 -14.85 8.21 29.93
C LYS C 20 -14.59 9.70 29.73
N VAL C 21 -13.58 10.02 28.92
CA VAL C 21 -13.19 11.39 28.61
C VAL C 21 -13.81 11.79 27.29
N SER C 22 -14.25 13.05 27.21
CA SER C 22 -14.88 13.57 26.01
C SER C 22 -13.99 14.61 25.36
N CYS C 23 -14.19 14.80 24.06
CA CYS C 23 -13.37 15.68 23.23
C CYS C 23 -14.32 16.30 22.21
N LYS C 24 -14.67 17.56 22.41
CA LYS C 24 -15.64 18.25 21.56
C LYS C 24 -14.89 19.10 20.54
N ALA C 25 -15.19 18.88 19.25
CA ALA C 25 -14.59 19.63 18.17
C ALA C 25 -15.54 20.72 17.68
N SER C 26 -14.96 21.79 17.13
CA SER C 26 -15.76 22.94 16.72
C SER C 26 -15.79 23.11 15.20
N GLY C 27 -15.12 24.14 14.68
CA GLY C 27 -15.25 24.51 13.29
C GLY C 27 -14.41 23.68 12.33
N GLY C 28 -14.86 22.46 12.05
CA GLY C 28 -14.16 21.59 11.12
C GLY C 28 -15.10 20.54 10.57
N THR C 29 -14.52 19.60 9.82
CA THR C 29 -15.26 18.48 9.25
C THR C 29 -15.03 17.28 10.17
N PHE C 30 -15.96 17.07 11.11
CA PHE C 30 -15.75 16.02 12.10
C PHE C 30 -15.75 14.64 11.47
N SER C 31 -16.66 14.37 10.55
CA SER C 31 -16.73 13.04 9.97
C SER C 31 -15.48 12.72 9.16
N SER C 32 -14.92 13.72 8.47
CA SER C 32 -13.83 13.48 7.54
C SER C 32 -12.48 13.27 8.23
N TYR C 33 -12.31 13.80 9.44
CA TYR C 33 -11.02 13.76 10.13
C TYR C 33 -11.03 12.72 11.24
N ALA C 34 -9.93 11.98 11.36
CA ALA C 34 -9.78 11.02 12.43
C ALA C 34 -9.30 11.69 13.71
N ILE C 35 -9.62 11.07 14.85
CA ILE C 35 -9.22 11.54 16.16
C ILE C 35 -8.53 10.41 16.90
N SER C 36 -7.40 10.70 17.53
CA SER C 36 -6.67 9.75 18.35
C SER C 36 -6.71 10.22 19.79
N TRP C 37 -6.40 9.31 20.70
CA TRP C 37 -6.18 9.61 22.10
C TRP C 37 -4.73 9.25 22.41
N VAL C 38 -3.99 10.20 22.96
CA VAL C 38 -2.59 10.05 23.32
C VAL C 38 -2.45 10.46 24.77
N ARG C 39 -1.82 9.63 25.58
CA ARG C 39 -1.65 9.96 26.98
C ARG C 39 -0.18 10.19 27.34
N GLN C 40 0.00 10.81 28.49
CA GLN C 40 1.34 11.12 28.99
C GLN C 40 1.30 10.94 30.51
N ALA C 41 1.88 9.84 30.98
CA ALA C 41 2.00 9.65 32.41
C ALA C 41 2.93 10.71 33.00
N PRO C 42 2.81 10.98 34.29
CA PRO C 42 3.63 12.04 34.90
C PRO C 42 5.12 11.93 34.60
N GLY C 43 5.68 12.98 33.99
CA GLY C 43 7.08 12.99 33.66
C GLY C 43 7.51 12.00 32.60
N GLN C 44 6.59 11.25 32.01
CA GLN C 44 6.90 10.24 31.03
C GLN C 44 6.62 10.75 29.62
N GLY C 45 6.75 9.87 28.63
CA GLY C 45 6.57 10.26 27.24
C GLY C 45 5.14 10.10 26.75
N LEU C 46 4.96 10.40 25.47
CA LEU C 46 3.67 10.28 24.84
C LEU C 46 3.41 8.83 24.45
N GLU C 47 2.14 8.43 24.53
CA GLU C 47 1.76 7.03 24.28
C GLU C 47 0.39 6.99 23.63
N TRP C 48 0.30 6.41 22.45
CA TRP C 48 -0.95 6.32 21.72
C TRP C 48 -1.85 5.26 22.33
N MET C 49 -3.11 5.63 22.59
N MET C 49 -3.11 5.61 22.55
CA MET C 49 -4.13 4.71 23.07
CA MET C 49 -4.09 4.64 23.04
C MET C 49 -4.85 4.02 21.90
C MET C 49 -4.93 4.05 21.93
N GLY C 50 -5.14 4.79 20.86
CA GLY C 50 -5.95 4.32 19.76
C GLY C 50 -6.55 5.53 19.08
N GLY C 51 -7.38 5.26 18.08
CA GLY C 51 -8.06 6.34 17.39
C GLY C 51 -9.25 5.79 16.66
N ILE C 52 -10.02 6.71 16.08
CA ILE C 52 -11.24 6.34 15.37
C ILE C 52 -11.34 7.18 14.11
N ILE C 53 -11.76 6.53 13.02
CA ILE C 53 -12.01 7.18 11.75
C ILE C 53 -13.52 7.15 11.59
N PRO C 54 -14.22 8.23 11.93
CA PRO C 54 -15.69 8.14 11.96
C PRO C 54 -16.32 7.72 10.65
N ILE C 55 -15.86 8.24 9.52
CA ILE C 55 -16.56 7.99 8.25
C ILE C 55 -16.69 6.50 7.98
N PHE C 56 -15.69 5.71 8.37
CA PHE C 56 -15.75 4.26 8.21
C PHE C 56 -16.19 3.55 9.49
N GLY C 57 -16.45 4.30 10.57
CA GLY C 57 -16.80 3.69 11.83
C GLY C 57 -15.78 2.71 12.35
N THR C 58 -14.49 2.96 12.07
CA THR C 58 -13.42 2.01 12.34
C THR C 58 -12.52 2.57 13.43
N ALA C 59 -12.31 1.77 14.47
CA ALA C 59 -11.44 2.13 15.58
C ALA C 59 -10.22 1.21 15.60
N ASN C 60 -9.06 1.79 15.93
N ASN C 60 -9.06 1.78 15.89
CA ASN C 60 -7.81 1.06 16.04
CA ASN C 60 -7.83 1.02 16.05
C ASN C 60 -7.24 1.33 17.43
C ASN C 60 -7.26 1.31 17.43
N TYR C 61 -6.82 0.27 18.11
CA TYR C 61 -6.33 0.38 19.48
C TYR C 61 -4.92 -0.17 19.57
N ALA C 62 -4.17 0.37 20.52
CA ALA C 62 -2.88 -0.21 20.86
C ALA C 62 -3.08 -1.52 21.61
N GLN C 63 -2.30 -2.54 21.25
CA GLN C 63 -2.49 -3.86 21.85
C GLN C 63 -2.41 -3.79 23.37
N LYS C 64 -1.61 -2.87 23.91
CA LYS C 64 -1.45 -2.76 25.36
CA LYS C 64 -1.45 -2.76 25.36
C LYS C 64 -2.76 -2.41 26.06
N PHE C 65 -3.74 -1.88 25.34
CA PHE C 65 -5.02 -1.51 25.93
C PHE C 65 -6.20 -2.24 25.33
N GLN C 66 -6.01 -2.94 24.22
CA GLN C 66 -7.12 -3.58 23.51
C GLN C 66 -7.86 -4.54 24.44
N GLY C 67 -9.20 -4.46 24.39
CA GLY C 67 -10.05 -5.19 25.31
C GLY C 67 -10.40 -4.45 26.57
N ARG C 68 -9.73 -3.32 26.82
CA ARG C 68 -9.92 -2.51 28.01
C ARG C 68 -10.33 -1.07 27.67
N VAL C 69 -10.33 -0.70 26.40
CA VAL C 69 -10.53 0.67 25.98
C VAL C 69 -11.52 0.66 24.82
N THR C 70 -12.35 1.69 24.77
CA THR C 70 -13.29 1.86 23.67
C THR C 70 -13.30 3.33 23.26
N ILE C 71 -13.09 3.58 21.98
CA ILE C 71 -13.09 4.93 21.42
C ILE C 71 -14.27 5.06 20.47
N THR C 72 -15.03 6.13 20.64
CA THR C 72 -16.22 6.36 19.83
C THR C 72 -16.24 7.80 19.35
N ALA C 73 -17.10 8.06 18.37
CA ALA C 73 -17.30 9.41 17.85
C ALA C 73 -18.78 9.61 17.57
N ASP C 74 -19.34 10.67 18.13
CA ASP C 74 -20.74 11.05 17.89
C ASP C 74 -20.72 12.10 16.79
N GLU C 75 -21.11 11.70 15.59
CA GLU C 75 -21.02 12.60 14.43
C GLU C 75 -22.03 13.73 14.52
N SER C 76 -23.14 13.51 15.23
CA SER C 76 -24.15 14.55 15.37
C SER C 76 -23.64 15.69 16.25
N THR C 77 -22.98 15.35 17.36
CA THR C 77 -22.50 16.34 18.31
C THR C 77 -21.02 16.65 18.15
N SER C 78 -20.35 16.09 17.15
CA SER C 78 -18.93 16.36 16.91
C SER C 78 -18.11 16.15 18.18
N THR C 79 -18.34 15.02 18.84
CA THR C 79 -17.68 14.72 20.10
C THR C 79 -17.11 13.32 20.06
N ALA C 80 -15.84 13.18 20.38
CA ALA C 80 -15.17 11.89 20.48
C ALA C 80 -15.02 11.51 21.94
N TYR C 81 -14.98 10.21 22.20
CA TYR C 81 -14.89 9.70 23.56
C TYR C 81 -13.82 8.62 23.63
N MET C 82 -13.17 8.55 24.79
CA MET C 82 -12.36 7.41 25.15
C MET C 82 -12.86 6.90 26.49
N GLU C 83 -13.29 5.65 26.52
CA GLU C 83 -13.56 4.94 27.77
C GLU C 83 -12.43 3.97 28.04
N LEU C 84 -11.83 4.08 29.22
CA LEU C 84 -10.78 3.15 29.65
C LEU C 84 -11.26 2.45 30.90
N ARG C 85 -11.36 1.13 30.84
CA ARG C 85 -11.92 0.31 31.92
C ARG C 85 -10.80 -0.35 32.72
N SER C 86 -11.18 -1.01 33.81
CA SER C 86 -10.26 -1.72 34.68
C SER C 86 -9.03 -0.87 35.00
N LEU C 87 -9.27 0.32 35.55
CA LEU C 87 -8.20 1.27 35.78
C LEU C 87 -7.25 0.78 36.87
N ARG C 88 -5.98 1.15 36.71
N ARG C 88 -5.97 1.12 36.69
CA ARG C 88 -4.93 0.79 37.64
CA ARG C 88 -4.94 0.79 37.66
C ARG C 88 -4.04 2.01 37.85
C ARG C 88 -4.06 2.02 37.86
N SER C 89 -3.21 1.94 38.88
CA SER C 89 -2.40 3.09 39.28
C SER C 89 -1.66 3.73 38.11
N ASP C 90 -0.95 2.93 37.32
CA ASP C 90 -0.12 3.48 36.25
C ASP C 90 -0.93 3.93 35.03
N ASP C 91 -2.26 3.98 35.14
CA ASP C 91 -3.10 4.69 34.17
C ASP C 91 -3.21 6.18 34.47
N THR C 92 -2.70 6.63 35.63
CA THR C 92 -2.67 8.05 35.95
C THR C 92 -1.85 8.78 34.90
N ALA C 93 -2.46 9.77 34.26
CA ALA C 93 -1.80 10.44 33.15
C ALA C 93 -2.71 11.58 32.71
N VAL C 94 -2.15 12.45 31.88
CA VAL C 94 -2.94 13.42 31.14
C VAL C 94 -3.24 12.80 29.77
N TYR C 95 -4.53 12.72 29.44
CA TYR C 95 -5.01 12.15 28.19
C TYR C 95 -5.38 13.29 27.27
N TYR C 96 -4.82 13.26 26.05
CA TYR C 96 -5.12 14.26 25.04
C TYR C 96 -5.88 13.59 23.89
N CYS C 97 -6.78 14.34 23.26
CA CYS C 97 -7.28 13.97 21.94
C CYS C 97 -6.55 14.80 20.90
N ALA C 98 -6.38 14.23 19.70
CA ALA C 98 -5.57 14.88 18.68
C ALA C 98 -6.06 14.50 17.29
N ARG C 99 -6.23 15.51 16.45
CA ARG C 99 -6.79 15.30 15.11
C ARG C 99 -5.70 14.88 14.14
N ASP C 100 -6.02 13.88 13.32
CA ASP C 100 -5.18 13.51 12.18
C ASP C 100 -5.27 14.63 11.15
N ASN C 101 -4.12 15.13 10.72
CA ASN C 101 -4.07 16.28 9.82
C ASN C 101 -4.64 15.97 8.45
N LEU C 102 -4.59 14.71 8.02
CA LEU C 102 -4.93 14.34 6.65
C LEU C 102 -6.37 13.82 6.62
N GLY C 103 -7.29 14.67 6.15
CA GLY C 103 -8.68 14.30 6.14
C GLY C 103 -8.96 13.19 5.15
N TYR C 104 -9.96 12.36 5.48
CA TYR C 104 -10.25 11.18 4.69
C TYR C 104 -11.16 11.45 3.50
N CYS C 105 -11.92 12.55 3.51
CA CYS C 105 -12.76 12.92 2.37
C CYS C 105 -12.55 14.39 2.03
N SER C 106 -12.76 14.71 0.76
CA SER C 106 -12.64 16.08 0.28
C SER C 106 -13.20 16.18 -1.12
N GLY C 107 -14.02 17.20 -1.38
CA GLY C 107 -14.47 17.49 -2.74
C GLY C 107 -15.11 16.33 -3.46
N GLY C 108 -15.96 15.57 -2.78
CA GLY C 108 -16.72 14.53 -3.42
C GLY C 108 -16.04 13.18 -3.53
N SER C 109 -14.91 13.00 -2.85
CA SER C 109 -14.20 11.75 -2.88
C SER C 109 -13.58 11.49 -1.51
N CYS C 110 -13.22 10.22 -1.28
CA CYS C 110 -12.61 9.80 -0.03
C CYS C 110 -11.48 8.82 -0.33
N TYR C 111 -10.50 8.79 0.58
CA TYR C 111 -9.45 7.79 0.53
C TYR C 111 -10.02 6.41 0.86
N SER C 112 -9.25 5.38 0.50
CA SER C 112 -9.74 4.02 0.56
C SER C 112 -9.00 3.14 1.55
N ASP C 113 -8.00 3.66 2.24
CA ASP C 113 -7.26 2.93 3.26
C ASP C 113 -6.96 3.88 4.40
N TYR C 114 -6.82 3.33 5.59
CA TYR C 114 -6.51 4.15 6.76
C TYR C 114 -5.02 4.13 7.05
N TYR C 115 -4.53 5.27 7.53
CA TYR C 115 -3.11 5.47 7.81
C TYR C 115 -3.07 6.73 8.66
N TYR C 116 -2.56 6.61 9.88
CA TYR C 116 -2.61 7.74 10.81
C TYR C 116 -1.46 8.69 10.52
N TYR C 117 -1.79 9.89 10.04
CA TYR C 117 -0.81 10.89 9.68
C TYR C 117 -0.45 11.69 10.93
N TYR C 118 0.21 12.83 10.74
CA TYR C 118 0.62 13.62 11.89
C TYR C 118 -0.60 14.32 12.50
N MET C 119 -0.47 14.66 13.77
CA MET C 119 -1.57 15.19 14.57
C MET C 119 -1.38 16.69 14.72
N ASP C 120 -2.28 17.47 14.12
CA ASP C 120 -2.09 18.91 14.04
C ASP C 120 -2.83 19.68 15.11
N VAL C 121 -4.00 19.23 15.53
CA VAL C 121 -4.83 19.91 16.52
C VAL C 121 -4.90 19.01 17.74
N TRP C 122 -4.50 19.54 18.89
CA TRP C 122 -4.53 18.81 20.16
C TRP C 122 -5.50 19.48 21.13
N GLY C 123 -6.22 18.67 21.88
CA GLY C 123 -7.03 19.17 22.98
C GLY C 123 -6.12 19.68 24.09
N GLN C 124 -6.76 20.26 25.11
CA GLN C 124 -6.03 20.85 26.23
C GLN C 124 -5.53 19.80 27.22
N GLY C 125 -5.99 18.56 27.11
CA GLY C 125 -5.61 17.53 28.05
C GLY C 125 -6.61 17.38 29.17
N THR C 126 -6.70 16.15 29.68
CA THR C 126 -7.57 15.80 30.79
C THR C 126 -6.74 14.99 31.78
N LEU C 127 -6.64 15.47 33.02
CA LEU C 127 -5.91 14.74 34.04
C LEU C 127 -6.80 13.64 34.60
N VAL C 128 -6.37 12.39 34.48
CA VAL C 128 -7.04 11.25 35.09
C VAL C 128 -6.07 10.65 36.11
N THR C 129 -6.52 10.56 37.36
N THR C 129 -6.51 10.56 37.36
CA THR C 129 -5.73 10.01 38.45
CA THR C 129 -5.71 9.98 38.43
C THR C 129 -6.44 8.77 38.99
C THR C 129 -6.43 8.77 38.99
N VAL C 130 -5.67 7.71 39.23
CA VAL C 130 -6.19 6.47 39.80
C VAL C 130 -5.47 6.23 41.12
N SER C 131 -6.23 6.17 42.20
CA SER C 131 -5.64 5.90 43.51
C SER C 131 -6.73 5.40 44.45
N SER C 132 -6.30 4.90 45.60
CA SER C 132 -7.20 4.42 46.63
C SER C 132 -7.46 5.47 47.70
N SER D 3 7.04 -6.90 18.89
CA SER D 3 6.12 -7.14 17.75
C SER D 3 5.81 -5.83 17.01
N SER D 4 5.97 -4.72 17.70
CA SER D 4 5.69 -3.40 17.14
C SER D 4 6.99 -2.64 16.88
N TYR D 5 6.92 -1.71 15.94
CA TYR D 5 8.10 -0.95 15.53
C TYR D 5 8.59 -0.08 16.68
N GLU D 6 9.91 -0.03 16.85
CA GLU D 6 10.53 0.70 17.95
C GLU D 6 11.31 1.90 17.43
N LEU D 7 11.15 3.02 18.12
CA LEU D 7 11.91 4.23 17.83
C LEU D 7 12.76 4.58 19.03
N THR D 8 14.06 4.75 18.82
CA THR D 8 14.99 5.03 19.89
C THR D 8 15.52 6.45 19.75
N GLN D 9 15.24 7.28 20.76
CA GLN D 9 15.74 8.64 20.84
C GLN D 9 16.64 8.75 22.05
N PRO D 10 17.67 9.58 22.00
CA PRO D 10 18.46 9.86 23.21
C PRO D 10 17.62 10.62 24.21
N PRO D 11 17.74 10.30 25.50
CA PRO D 11 16.89 10.99 26.49
C PRO D 11 17.13 12.48 26.56
N SER D 12 18.34 12.94 26.24
CA SER D 12 18.71 14.32 26.52
C SER D 12 19.84 14.76 25.61
N VAL D 13 19.84 16.06 25.31
CA VAL D 13 20.87 16.71 24.52
C VAL D 13 21.18 18.05 25.17
N SER D 14 22.47 18.38 25.28
CA SER D 14 22.92 19.68 25.73
C SER D 14 23.45 20.43 24.52
N VAL D 15 23.07 21.70 24.37
CA VAL D 15 23.49 22.49 23.22
C VAL D 15 23.86 23.89 23.67
N ALA D 16 25.03 24.35 23.25
CA ALA D 16 25.46 25.70 23.55
C ALA D 16 24.54 26.69 22.83
N PRO D 17 24.36 27.88 23.40
CA PRO D 17 23.44 28.85 22.79
C PRO D 17 23.93 29.26 21.42
N GLY D 18 23.00 29.27 20.46
CA GLY D 18 23.34 29.62 19.10
C GLY D 18 24.03 28.54 18.29
N ARG D 19 24.26 27.37 18.86
CA ARG D 19 24.82 26.24 18.15
C ARG D 19 23.70 25.32 17.66
N THR D 20 24.07 24.22 17.03
CA THR D 20 23.13 23.32 16.40
C THR D 20 22.81 22.16 17.31
N ALA D 21 21.52 21.89 17.49
CA ALA D 21 21.06 20.73 18.23
C ALA D 21 20.70 19.64 17.22
N THR D 22 21.19 18.43 17.45
CA THR D 22 20.93 17.29 16.60
C THR D 22 20.24 16.21 17.42
N ILE D 23 19.03 15.85 17.03
CA ILE D 23 18.20 14.88 17.75
C ILE D 23 17.95 13.71 16.82
N THR D 24 18.48 12.54 17.16
CA THR D 24 18.30 11.36 16.33
C THR D 24 17.08 10.56 16.77
N CYS D 25 16.50 9.87 15.79
CA CYS D 25 15.40 8.94 15.99
C CYS D 25 15.73 7.72 15.15
N GLU D 26 16.16 6.64 15.79
CA GLU D 26 16.68 5.49 15.09
C GLU D 26 15.65 4.37 15.08
N GLY D 27 15.61 3.64 13.98
CA GLY D 27 14.75 2.48 13.87
C GLY D 27 15.21 1.65 12.72
N ASP D 28 14.90 0.35 12.78
N ASP D 28 14.89 0.35 12.78
CA ASP D 28 15.22 -0.57 11.71
CA ASP D 28 15.25 -0.57 11.71
C ASP D 28 14.66 -0.06 10.39
C ASP D 28 14.67 -0.08 10.38
N ASN D 29 15.53 0.40 9.49
CA ASN D 29 15.11 0.94 8.19
C ASN D 29 13.99 1.99 8.35
N ILE D 30 14.18 2.90 9.30
CA ILE D 30 13.22 3.98 9.52
C ILE D 30 13.06 4.83 8.26
N GLY D 31 14.01 4.77 7.33
CA GLY D 31 13.86 5.45 6.05
C GLY D 31 12.66 4.97 5.26
N GLN D 32 12.14 3.79 5.57
CA GLN D 32 10.90 3.31 4.97
C GLN D 32 9.66 3.91 5.63
N GLN D 33 9.82 4.53 6.78
CA GLN D 33 8.72 5.12 7.51
C GLN D 33 8.64 6.61 7.20
N ILE D 34 7.49 7.19 7.49
CA ILE D 34 7.29 8.63 7.42
C ILE D 34 7.33 9.16 8.86
N VAL D 35 8.30 10.02 9.16
CA VAL D 35 8.57 10.46 10.52
C VAL D 35 8.05 11.89 10.71
N HIS D 36 7.32 12.10 11.80
CA HIS D 36 6.92 13.43 12.23
C HIS D 36 7.57 13.74 13.58
N TRP D 37 7.73 15.03 13.86
CA TRP D 37 8.34 15.49 15.10
C TRP D 37 7.44 16.50 15.81
N TYR D 38 7.39 16.39 17.13
CA TYR D 38 6.57 17.25 17.97
C TYR D 38 7.44 17.87 19.06
N GLN D 39 7.20 19.14 19.34
CA GLN D 39 7.83 19.85 20.44
C GLN D 39 6.83 19.97 21.58
N GLN D 40 7.30 19.77 22.81
CA GLN D 40 6.41 19.91 23.96
C GLN D 40 7.15 20.59 25.09
N LYS D 41 6.64 21.72 25.51
CA LYS D 41 7.18 22.42 26.66
C LYS D 41 6.41 22.02 27.91
N PRO D 42 7.02 22.15 29.08
CA PRO D 42 6.40 21.64 30.32
C PRO D 42 5.05 22.29 30.59
N GLY D 43 4.07 21.45 30.89
CA GLY D 43 2.73 21.91 31.19
C GLY D 43 1.91 22.31 29.99
N GLN D 44 2.40 22.06 28.78
CA GLN D 44 1.70 22.44 27.56
C GLN D 44 1.47 21.21 26.70
N ALA D 45 0.58 21.36 25.71
CA ALA D 45 0.31 20.28 24.77
C ALA D 45 1.39 20.23 23.69
N PRO D 46 1.59 19.07 23.07
CA PRO D 46 2.58 18.98 22.00
C PRO D 46 2.19 19.82 20.80
N VAL D 47 3.19 20.15 20.00
CA VAL D 47 3.06 20.97 18.81
C VAL D 47 3.90 20.32 17.71
N ALA D 48 3.30 20.12 16.53
CA ALA D 48 4.06 19.53 15.43
C ALA D 48 5.03 20.56 14.86
N VAL D 49 6.31 20.19 14.77
CA VAL D 49 7.33 21.08 14.23
C VAL D 49 7.88 20.60 12.89
N ILE D 50 7.87 19.29 12.62
CA ILE D 50 8.28 18.73 11.34
C ILE D 50 7.28 17.63 11.00
N SER D 51 6.78 17.64 9.77
CA SER D 51 5.90 16.58 9.27
C SER D 51 6.49 15.98 8.01
N SER D 52 6.17 14.71 7.77
CA SER D 52 6.58 14.01 6.56
C SER D 52 8.09 14.07 6.37
N ASP D 53 8.82 13.77 7.44
CA ASP D 53 10.29 13.71 7.45
C ASP D 53 10.95 15.07 7.47
N SER D 54 10.48 16.00 6.63
CA SER D 54 11.24 17.22 6.39
C SER D 54 10.41 18.47 6.12
N ASP D 55 9.09 18.40 6.20
CA ASP D 55 8.25 19.57 5.97
C ASP D 55 8.01 20.31 7.26
N ARG D 56 7.99 21.65 7.17
CA ARG D 56 7.71 22.49 8.32
C ARG D 56 6.27 22.96 8.28
N PRO D 57 5.45 22.65 9.27
CA PRO D 57 4.11 23.26 9.30
C PRO D 57 4.21 24.78 9.27
N SER D 58 3.10 25.42 8.95
CA SER D 58 3.08 26.87 8.88
C SER D 58 3.39 27.48 10.24
N GLY D 59 4.21 28.52 10.24
CA GLY D 59 4.57 29.21 11.46
C GLY D 59 5.82 28.70 12.15
N ILE D 60 6.30 27.52 11.79
CA ILE D 60 7.46 26.93 12.46
C ILE D 60 8.73 27.59 11.93
N PRO D 61 9.67 27.99 12.79
CA PRO D 61 10.86 28.69 12.32
C PRO D 61 11.69 27.85 11.35
N GLU D 62 12.37 28.55 10.43
CA GLU D 62 13.22 27.88 9.45
C GLU D 62 14.35 27.10 10.08
N ARG D 63 14.76 27.48 11.30
CA ARG D 63 15.89 26.79 11.92
C ARG D 63 15.57 25.35 12.29
N PHE D 64 14.30 24.94 12.21
CA PHE D 64 13.95 23.53 12.40
C PHE D 64 13.96 22.85 11.03
N SER D 65 14.66 21.72 10.93
CA SER D 65 14.67 20.95 9.70
C SER D 65 14.78 19.48 10.07
N GLY D 66 14.34 18.63 9.15
CA GLY D 66 14.33 17.20 9.40
C GLY D 66 14.86 16.42 8.20
N SER D 67 15.42 15.25 8.49
CA SER D 67 15.84 14.31 7.46
C SER D 67 15.51 12.91 7.92
N ASN D 68 15.51 11.97 6.98
CA ASN D 68 15.24 10.56 7.30
C ASN D 68 15.84 9.68 6.21
N SER D 69 16.84 8.88 6.59
CA SER D 69 17.53 8.03 5.64
C SER D 69 18.01 6.78 6.37
N GLY D 70 17.81 5.63 5.76
CA GLY D 70 18.39 4.42 6.29
C GLY D 70 17.83 4.10 7.66
N ASN D 71 18.72 4.07 8.65
CA ASN D 71 18.36 3.66 10.00
C ASN D 71 18.21 4.84 10.95
N THR D 72 18.27 6.08 10.46
CA THR D 72 18.24 7.24 11.33
C THR D 72 17.45 8.38 10.72
N ALA D 73 16.47 8.87 11.47
CA ALA D 73 15.83 10.16 11.20
C ALA D 73 16.35 11.18 12.19
N THR D 74 16.44 12.44 11.76
CA THR D 74 17.12 13.45 12.54
C THR D 74 16.38 14.77 12.50
N LEU D 75 16.14 15.33 13.68
CA LEU D 75 15.67 16.71 13.83
C LEU D 75 16.88 17.59 14.14
N THR D 76 17.07 18.63 13.34
CA THR D 76 18.20 19.54 13.50
C THR D 76 17.65 20.92 13.79
N ILE D 77 18.01 21.48 14.95
CA ILE D 77 17.65 22.83 15.31
C ILE D 77 18.91 23.67 15.21
N SER D 78 18.99 24.50 14.18
CA SER D 78 20.13 25.39 14.00
C SER D 78 19.94 26.64 14.85
N ARG D 79 21.05 27.31 15.13
CA ARG D 79 21.03 28.61 15.82
C ARG D 79 20.09 28.56 17.02
N VAL D 80 20.29 27.56 17.88
CA VAL D 80 19.30 27.25 18.90
C VAL D 80 19.17 28.42 19.88
N GLU D 81 17.92 28.70 20.27
CA GLU D 81 17.60 29.77 21.20
C GLU D 81 17.06 29.17 22.50
N ALA D 82 17.06 30.00 23.54
CA ALA D 82 16.57 29.52 24.83
C ALA D 82 15.14 29.01 24.73
N GLY D 83 14.32 29.62 23.88
CA GLY D 83 12.94 29.21 23.72
C GLY D 83 12.76 27.85 23.07
N ASP D 84 13.82 27.30 22.49
CA ASP D 84 13.75 25.97 21.90
C ASP D 84 13.95 24.86 22.92
N GLU D 85 14.26 25.23 24.17
CA GLU D 85 14.41 24.24 25.23
C GLU D 85 13.07 23.56 25.42
N ALA D 86 13.05 22.24 25.24
CA ALA D 86 11.82 21.47 25.29
C ALA D 86 12.07 19.97 25.11
N ASP D 87 11.02 19.18 25.21
CA ASP D 87 11.07 17.79 24.80
C ASP D 87 10.66 17.67 23.34
N TYR D 88 11.34 16.80 22.60
CA TYR D 88 11.02 16.56 21.20
C TYR D 88 10.78 15.08 21.01
N TYR D 89 9.65 14.75 20.36
CA TYR D 89 9.27 13.37 20.09
C TYR D 89 9.18 13.13 18.59
N CYS D 90 9.83 12.07 18.11
CA CYS D 90 9.56 11.57 16.78
C CYS D 90 8.37 10.62 16.83
N GLN D 91 7.73 10.41 15.70
CA GLN D 91 6.53 9.59 15.65
C GLN D 91 6.38 9.02 14.26
N VAL D 92 5.94 7.76 14.20
CA VAL D 92 5.55 7.14 12.94
C VAL D 92 4.25 6.37 13.12
N TRP D 93 3.59 6.08 12.01
CA TRP D 93 2.54 5.08 11.97
C TRP D 93 3.14 3.83 11.33
N ASP D 94 3.10 2.72 12.06
CA ASP D 94 3.61 1.45 11.59
C ASP D 94 2.44 0.65 11.04
N SER D 95 2.32 0.60 9.71
CA SER D 95 1.18 -0.08 9.09
C SER D 95 1.19 -1.58 9.38
N GLY D 96 2.37 -2.17 9.60
CA GLY D 96 2.43 -3.59 9.86
C GLY D 96 1.71 -3.99 11.14
N SER D 97 1.82 -3.15 12.17
CA SER D 97 1.22 -3.45 13.47
C SER D 97 0.00 -2.57 13.78
N ASP D 98 -0.37 -1.66 12.88
CA ASP D 98 -1.49 -0.76 13.10
C ASP D 98 -1.32 0.04 14.40
N HIS D 99 -0.12 0.58 14.60
CA HIS D 99 0.18 1.38 15.78
C HIS D 99 0.81 2.71 15.40
N VAL D 100 0.35 3.78 16.02
CA VAL D 100 1.15 4.99 16.14
C VAL D 100 2.20 4.74 17.20
N VAL D 101 3.46 5.01 16.87
CA VAL D 101 4.59 4.80 17.77
C VAL D 101 5.27 6.14 17.98
N PHE D 102 5.57 6.46 19.24
CA PHE D 102 6.34 7.63 19.60
C PHE D 102 7.71 7.16 20.07
N GLY D 103 8.74 7.92 19.72
CA GLY D 103 10.01 7.79 20.41
C GLY D 103 9.84 8.16 21.86
N GLY D 104 10.88 7.87 22.65
CA GLY D 104 10.85 8.20 24.06
C GLY D 104 10.94 9.68 24.36
N GLY D 105 11.28 10.49 23.38
CA GLY D 105 11.47 11.91 23.61
C GLY D 105 12.91 12.25 23.96
N THR D 106 13.32 13.46 23.56
CA THR D 106 14.64 13.98 23.85
C THR D 106 14.48 15.35 24.46
N LYS D 107 14.92 15.52 25.70
CA LYS D 107 14.89 16.84 26.32
C LYS D 107 16.12 17.62 25.84
N VAL D 108 15.89 18.77 25.21
CA VAL D 108 16.95 19.65 24.78
C VAL D 108 17.15 20.71 25.86
N THR D 109 18.34 20.76 26.43
CA THR D 109 18.73 21.80 27.39
C THR D 109 19.68 22.75 26.69
N VAL D 110 19.34 24.03 26.67
CA VAL D 110 20.16 25.06 26.04
C VAL D 110 21.02 25.71 27.12
N LEU D 111 22.34 25.65 26.95
CA LEU D 111 23.25 26.17 27.96
C LEU D 111 23.22 27.70 27.99
N GLU D 112 23.66 28.24 29.12
CA GLU D 112 23.75 29.70 29.24
C GLU D 112 24.94 30.27 28.47
N ASN D 113 26.02 29.50 28.33
CA ASN D 113 27.25 30.02 27.73
C ASN D 113 27.82 29.01 26.75
N LEU D 114 28.58 29.53 25.79
CA LEU D 114 29.37 28.66 24.94
C LEU D 114 30.45 27.99 25.76
N TYR D 115 30.79 26.75 25.38
CA TYR D 115 31.90 26.08 26.02
C TYR D 115 33.19 26.87 25.83
N PHE D 116 33.43 27.34 24.61
CA PHE D 116 34.65 28.04 24.26
C PHE D 116 34.33 29.13 23.25
N GLN D 117 34.91 30.30 23.46
CA GLN D 117 34.71 31.44 22.56
C GLN D 117 35.29 31.13 21.18
N GLN E 2 8.46 -6.80 -31.16
CA GLN E 2 7.94 -7.04 -29.78
C GLN E 2 8.87 -7.99 -29.03
N VAL E 3 8.92 -7.84 -27.70
CA VAL E 3 9.71 -8.77 -26.90
C VAL E 3 9.15 -10.17 -27.08
N GLN E 4 10.03 -11.16 -27.03
CA GLN E 4 9.63 -12.55 -27.17
C GLN E 4 10.41 -13.38 -26.15
N LEU E 5 9.78 -14.45 -25.69
CA LEU E 5 10.39 -15.37 -24.73
C LEU E 5 10.49 -16.73 -25.38
N VAL E 6 11.70 -17.29 -25.41
CA VAL E 6 11.97 -18.56 -26.04
C VAL E 6 12.53 -19.49 -24.98
N GLN E 7 11.88 -20.62 -24.78
CA GLN E 7 12.25 -21.55 -23.72
C GLN E 7 13.02 -22.75 -24.27
N SER E 8 13.70 -23.44 -23.37
CA SER E 8 14.45 -24.63 -23.72
C SER E 8 13.51 -25.77 -24.07
N GLY E 9 14.09 -26.87 -24.52
CA GLY E 9 13.33 -27.99 -25.04
C GLY E 9 12.86 -28.97 -23.99
N ALA E 10 12.09 -29.95 -24.44
CA ALA E 10 11.44 -30.90 -23.55
C ALA E 10 12.45 -31.63 -22.69
N GLU E 11 12.00 -32.07 -21.52
CA GLU E 11 12.83 -32.76 -20.55
C GLU E 11 12.10 -34.02 -20.10
N VAL E 12 12.85 -35.11 -19.95
CA VAL E 12 12.33 -36.36 -19.40
C VAL E 12 13.18 -36.70 -18.19
N LYS E 13 12.55 -36.72 -17.02
CA LYS E 13 13.25 -36.85 -15.76
C LYS E 13 12.68 -38.02 -14.97
N LYS E 14 13.50 -38.55 -14.11
CA LYS E 14 13.07 -39.62 -13.22
C LYS E 14 12.65 -39.04 -11.88
N PRO E 15 11.71 -39.69 -11.20
CA PRO E 15 11.29 -39.17 -9.89
C PRO E 15 12.47 -39.01 -8.95
N GLY E 16 12.45 -37.92 -8.19
CA GLY E 16 13.55 -37.58 -7.33
C GLY E 16 14.61 -36.71 -7.96
N SER E 17 14.64 -36.64 -9.30
CA SER E 17 15.61 -35.83 -10.00
C SER E 17 15.21 -34.35 -9.95
N SER E 18 15.88 -33.54 -10.76
CA SER E 18 15.56 -32.12 -10.84
C SER E 18 15.64 -31.69 -12.30
N VAL E 19 14.93 -30.61 -12.61
CA VAL E 19 14.91 -30.02 -13.95
C VAL E 19 15.22 -28.54 -13.82
N LYS E 20 15.73 -27.96 -14.92
CA LYS E 20 16.13 -26.56 -14.96
C LYS E 20 15.81 -26.05 -16.37
N VAL E 21 14.73 -25.29 -16.48
CA VAL E 21 14.20 -24.79 -17.75
C VAL E 21 14.67 -23.35 -17.91
N SER E 22 15.00 -22.98 -19.13
CA SER E 22 15.50 -21.64 -19.41
C SER E 22 14.49 -20.88 -20.27
N CYS E 23 14.57 -19.56 -20.20
CA CYS E 23 13.63 -18.67 -20.86
C CYS E 23 14.43 -17.46 -21.32
N LYS E 24 14.73 -17.40 -22.61
CA LYS E 24 15.54 -16.33 -23.18
C LYS E 24 14.61 -15.24 -23.71
N ALA E 25 14.77 -14.03 -23.20
CA ALA E 25 13.96 -12.88 -23.59
C ALA E 25 14.60 -12.17 -24.78
N SER E 26 14.04 -12.37 -25.96
CA SER E 26 14.48 -11.63 -27.14
C SER E 26 13.98 -10.19 -27.06
N GLY E 27 14.87 -9.24 -27.33
CA GLY E 27 14.59 -7.85 -27.07
C GLY E 27 15.27 -7.41 -25.79
N GLY E 28 15.07 -8.17 -24.73
CA GLY E 28 15.80 -7.94 -23.49
C GLY E 28 15.04 -7.00 -22.55
N THR E 29 15.69 -5.88 -22.18
CA THR E 29 15.22 -4.99 -21.13
C THR E 29 14.56 -5.77 -20.00
N PHE E 30 15.07 -6.97 -19.74
CA PHE E 30 14.46 -7.88 -18.76
C PHE E 30 14.94 -7.59 -17.34
N SER E 31 15.76 -6.55 -17.16
CA SER E 31 16.03 -6.04 -15.82
C SER E 31 14.78 -5.36 -15.24
N SER E 32 14.18 -4.46 -16.00
CA SER E 32 13.05 -3.68 -15.49
C SER E 32 11.79 -4.53 -15.39
N TYR E 33 11.61 -5.51 -16.26
CA TYR E 33 10.42 -6.34 -16.25
C TYR E 33 10.65 -7.60 -15.44
N ALA E 34 9.63 -8.01 -14.69
CA ALA E 34 9.68 -9.25 -13.91
C ALA E 34 9.21 -10.43 -14.76
N ILE E 35 9.68 -11.62 -14.40
CA ILE E 35 9.34 -12.85 -15.11
C ILE E 35 8.77 -13.85 -14.11
N SER E 36 7.66 -14.47 -14.48
CA SER E 36 7.06 -15.54 -13.69
C SER E 36 7.17 -16.85 -14.41
N TRP E 37 7.01 -17.93 -13.65
CA TRP E 37 6.93 -19.28 -14.18
C TRP E 37 5.57 -19.83 -13.79
N VAL E 38 4.81 -20.27 -14.78
CA VAL E 38 3.45 -20.78 -14.61
C VAL E 38 3.38 -22.13 -15.30
N ARG E 39 2.86 -23.14 -14.61
CA ARG E 39 2.80 -24.47 -15.19
C ARG E 39 1.35 -24.88 -15.45
N GLN E 40 1.20 -25.92 -16.26
CA GLN E 40 -0.12 -26.44 -16.57
C GLN E 40 0.03 -27.95 -16.73
N ALA E 41 -0.44 -28.68 -15.73
CA ALA E 41 -0.44 -30.13 -15.82
C ALA E 41 -1.41 -30.57 -16.89
N PRO E 42 -1.22 -31.77 -17.43
CA PRO E 42 -2.10 -32.24 -18.51
C PRO E 42 -3.57 -32.11 -18.16
N GLY E 43 -4.32 -31.40 -19.00
CA GLY E 43 -5.75 -31.24 -18.78
C GLY E 43 -6.15 -30.35 -17.61
N GLN E 44 -5.21 -29.68 -16.97
CA GLN E 44 -5.50 -28.93 -15.76
C GLN E 44 -5.37 -27.43 -16.04
N GLY E 45 -5.56 -26.64 -14.98
CA GLY E 45 -5.48 -25.20 -15.07
C GLY E 45 -4.07 -24.68 -14.91
N LEU E 46 -3.95 -23.36 -14.97
CA LEU E 46 -2.68 -22.69 -14.80
C LEU E 46 -2.35 -22.58 -13.32
N GLU E 47 -1.05 -22.59 -13.02
CA GLU E 47 -0.57 -22.64 -11.65
C GLU E 47 0.72 -21.85 -11.57
N TRP E 48 0.72 -20.78 -10.78
CA TRP E 48 1.92 -19.97 -10.61
C TRP E 48 2.93 -20.74 -9.77
N MET E 49 4.18 -20.78 -10.25
N MET E 49 4.18 -20.75 -10.21
CA MET E 49 5.29 -21.33 -9.51
CA MET E 49 5.24 -21.33 -9.41
C MET E 49 5.98 -20.26 -8.67
C MET E 49 6.08 -20.28 -8.71
N GLY E 50 6.16 -19.08 -9.25
CA GLY E 50 6.91 -18.02 -8.63
C GLY E 50 7.36 -17.05 -9.70
N GLY E 51 8.12 -16.06 -9.28
CA GLY E 51 8.64 -15.09 -10.22
C GLY E 51 9.86 -14.42 -9.63
N ILE E 52 10.53 -13.64 -10.47
CA ILE E 52 11.72 -12.91 -10.04
C ILE E 52 11.64 -11.50 -10.60
N ILE E 53 12.07 -10.54 -9.80
CA ILE E 53 12.13 -9.14 -10.20
C ILE E 53 13.62 -8.82 -10.25
N PRO E 54 14.27 -8.94 -11.40
CA PRO E 54 15.74 -8.83 -11.41
C PRO E 54 16.26 -7.52 -10.84
N ILE E 55 15.63 -6.39 -11.14
CA ILE E 55 16.18 -5.12 -10.70
C ILE E 55 16.35 -5.08 -9.18
N PHE E 56 15.48 -5.77 -8.46
CA PHE E 56 15.62 -5.88 -7.01
C PHE E 56 16.28 -7.18 -6.57
N GLY E 57 16.55 -8.10 -7.50
CA GLY E 57 17.12 -9.38 -7.14
C GLY E 57 16.29 -10.13 -6.11
N THR E 58 14.97 -10.08 -6.24
CA THR E 58 14.06 -10.70 -5.29
C THR E 58 13.16 -11.66 -6.02
N ALA E 59 13.09 -12.88 -5.51
CA ALA E 59 12.21 -13.91 -6.05
C ALA E 59 11.08 -14.16 -5.06
N ASN E 60 9.93 -14.53 -5.60
CA ASN E 60 8.75 -14.88 -4.82
C ASN E 60 8.26 -16.23 -5.31
N TYR E 61 8.00 -17.14 -4.37
CA TYR E 61 7.63 -18.50 -4.71
C TYR E 61 6.28 -18.84 -4.11
N ALA E 62 5.57 -19.74 -4.78
CA ALA E 62 4.31 -20.24 -4.27
C ALA E 62 4.56 -21.28 -3.18
N GLN E 63 3.77 -21.20 -2.11
CA GLN E 63 3.99 -22.09 -0.98
C GLN E 63 4.01 -23.55 -1.42
N LYS E 64 3.24 -23.88 -2.45
CA LYS E 64 3.18 -25.26 -2.91
C LYS E 64 4.55 -25.77 -3.34
N PHE E 65 5.47 -24.88 -3.66
CA PHE E 65 6.77 -25.28 -4.18
C PHE E 65 7.96 -24.76 -3.38
N GLN E 66 7.75 -23.81 -2.46
CA GLN E 66 8.85 -23.27 -1.68
C GLN E 66 9.69 -24.40 -1.09
N GLY E 67 11.00 -24.19 -1.08
CA GLY E 67 11.94 -25.22 -0.63
C GLY E 67 12.29 -26.23 -1.69
N ARG E 68 11.63 -26.20 -2.85
CA ARG E 68 11.79 -27.17 -3.91
C ARG E 68 12.11 -26.53 -5.25
N VAL E 69 11.97 -25.21 -5.37
CA VAL E 69 12.09 -24.49 -6.64
C VAL E 69 12.98 -23.28 -6.43
N THR E 70 13.81 -22.98 -7.43
CA THR E 70 14.66 -21.80 -7.44
C THR E 70 14.51 -21.10 -8.78
N ILE E 71 14.26 -19.79 -8.73
CA ILE E 71 14.11 -18.98 -9.94
C ILE E 71 15.22 -17.94 -9.95
N THR E 72 15.94 -17.87 -11.07
CA THR E 72 17.07 -16.99 -11.21
C THR E 72 16.97 -16.23 -12.53
N ALA E 73 17.81 -15.23 -12.69
CA ALA E 73 17.80 -14.39 -13.89
C ALA E 73 19.21 -13.92 -14.16
N ASP E 74 19.71 -14.20 -15.36
CA ASP E 74 21.04 -13.77 -15.80
C ASP E 74 20.86 -12.51 -16.63
N GLU E 75 21.32 -11.38 -16.09
N GLU E 75 21.30 -11.37 -16.09
CA GLU E 75 21.08 -10.10 -16.77
CA GLU E 75 21.08 -10.10 -16.77
C GLU E 75 21.99 -9.92 -17.99
C GLU E 75 22.00 -9.90 -17.96
N SER E 76 23.17 -10.55 -17.99
CA SER E 76 24.06 -10.41 -19.14
C SER E 76 23.48 -11.11 -20.36
N THR E 77 22.74 -12.20 -20.15
CA THR E 77 22.19 -12.98 -21.24
C THR E 77 20.68 -12.86 -21.36
N SER E 78 20.03 -12.04 -20.53
CA SER E 78 18.59 -11.87 -20.55
C SER E 78 17.89 -13.22 -20.59
N THR E 79 18.30 -14.11 -19.70
CA THR E 79 17.75 -15.45 -19.62
C THR E 79 17.29 -15.72 -18.19
N ALA E 80 16.05 -16.17 -18.05
CA ALA E 80 15.52 -16.58 -16.76
C ALA E 80 15.51 -18.09 -16.67
N TYR E 81 15.60 -18.59 -15.44
CA TYR E 81 15.66 -20.02 -15.22
C TYR E 81 14.73 -20.41 -14.08
N MET E 82 14.18 -21.62 -14.19
N MET E 82 14.16 -21.61 -14.21
CA MET E 82 13.39 -22.23 -13.13
CA MET E 82 13.40 -22.24 -13.14
C MET E 82 13.95 -23.62 -12.90
C MET E 82 13.99 -23.61 -12.91
N GLU E 83 14.46 -23.85 -11.69
CA GLU E 83 14.96 -25.16 -11.29
C GLU E 83 13.94 -25.72 -10.30
N LEU E 84 13.44 -26.92 -10.61
CA LEU E 84 12.47 -27.62 -9.77
C LEU E 84 13.11 -28.93 -9.35
N ARG E 85 13.24 -29.14 -8.04
CA ARG E 85 13.92 -30.28 -7.48
C ARG E 85 12.93 -31.32 -6.99
N SER E 86 13.46 -32.47 -6.56
CA SER E 86 12.65 -33.53 -5.97
C SER E 86 11.41 -33.81 -6.81
N LEU E 87 11.62 -33.94 -8.12
CA LEU E 87 10.52 -34.12 -9.05
C LEU E 87 9.75 -35.40 -8.75
N ARG E 88 8.43 -35.33 -8.94
CA ARG E 88 7.55 -36.48 -8.81
C ARG E 88 6.54 -36.44 -9.95
N SER E 89 5.68 -37.46 -10.00
CA SER E 89 4.87 -37.72 -11.17
C SER E 89 3.98 -36.53 -11.53
N ASP E 90 3.34 -35.92 -10.54
CA ASP E 90 2.43 -34.83 -10.83
C ASP E 90 3.13 -33.51 -11.10
N ASP E 91 4.46 -33.53 -11.25
CA ASP E 91 5.17 -32.38 -11.79
C ASP E 91 5.16 -32.38 -13.31
N THR E 92 4.68 -33.45 -13.94
CA THR E 92 4.55 -33.49 -15.39
C THR E 92 3.59 -32.40 -15.84
N ALA E 93 4.10 -31.48 -16.66
CA ALA E 93 3.31 -30.34 -17.09
C ALA E 93 4.06 -29.60 -18.18
N VAL E 94 3.37 -28.66 -18.82
CA VAL E 94 4.01 -27.67 -19.66
C VAL E 94 4.27 -26.44 -18.78
N TYR E 95 5.52 -26.01 -18.74
CA TYR E 95 5.95 -24.88 -17.93
C TYR E 95 6.17 -23.68 -18.82
N TYR E 96 5.53 -22.57 -18.49
CA TYR E 96 5.66 -21.33 -19.24
C TYR E 96 6.41 -20.30 -18.41
N CYS E 97 7.22 -19.49 -19.08
CA CYS E 97 7.64 -18.21 -18.53
C CYS E 97 6.74 -17.13 -19.09
N ALA E 98 6.53 -16.09 -18.28
CA ALA E 98 5.58 -15.04 -18.65
C ALA E 98 6.02 -13.72 -18.04
N ARG E 99 5.97 -12.67 -18.85
CA ARG E 99 6.45 -11.37 -18.42
C ARG E 99 5.33 -10.57 -17.74
N ASP E 100 5.69 -9.89 -16.65
CA ASP E 100 4.82 -8.92 -16.01
C ASP E 100 4.72 -7.69 -16.88
N ASN E 101 3.49 -7.32 -17.25
CA ASN E 101 3.29 -6.23 -18.21
C ASN E 101 3.79 -4.90 -17.67
N LEU E 102 3.80 -4.71 -16.35
CA LEU E 102 4.07 -3.40 -15.76
C LEU E 102 5.52 -3.35 -15.32
N GLY E 103 6.34 -2.68 -16.12
CA GLY E 103 7.75 -2.59 -15.81
C GLY E 103 8.01 -1.82 -14.53
N TYR E 104 9.10 -2.20 -13.86
CA TYR E 104 9.45 -1.62 -12.57
C TYR E 104 10.22 -0.31 -12.67
N CYS E 105 10.88 -0.06 -13.80
CA CYS E 105 11.57 1.20 -14.01
C CYS E 105 11.19 1.77 -15.38
N SER E 106 11.28 3.09 -15.49
CA SER E 106 10.94 3.79 -16.72
C SER E 106 11.37 5.24 -16.59
N GLY E 107 12.02 5.76 -17.63
CA GLY E 107 12.34 7.19 -17.67
C GLY E 107 13.10 7.71 -16.47
N GLY E 108 14.09 6.96 -16.00
CA GLY E 108 14.92 7.45 -14.92
C GLY E 108 14.37 7.28 -13.53
N SER E 109 13.23 6.60 -13.37
CA SER E 109 12.67 6.33 -12.06
C SER E 109 12.15 4.91 -12.03
N CYS E 110 11.99 4.39 -10.80
CA CYS E 110 11.50 3.05 -10.58
C CYS E 110 10.46 3.05 -9.48
N TYR E 111 9.56 2.06 -9.54
CA TYR E 111 8.61 1.84 -8.46
C TYR E 111 9.33 1.35 -7.21
N SER E 112 8.65 1.44 -6.07
CA SER E 112 9.27 1.15 -4.79
C SER E 112 8.66 -0.05 -4.07
N ASP E 113 7.73 -0.75 -4.67
CA ASP E 113 7.15 -1.95 -4.08
C ASP E 113 6.85 -2.94 -5.20
N TYR E 114 6.82 -4.21 -4.85
CA TYR E 114 6.57 -5.24 -5.85
C TYR E 114 5.12 -5.70 -5.78
N TYR E 115 4.55 -6.01 -6.94
CA TYR E 115 3.15 -6.36 -7.10
C TYR E 115 3.03 -6.94 -8.50
N TYR E 116 2.66 -8.21 -8.61
CA TYR E 116 2.65 -8.87 -9.91
C TYR E 116 1.39 -8.48 -10.67
N TYR E 117 1.58 -7.82 -11.81
CA TYR E 117 0.48 -7.36 -12.64
C TYR E 117 0.14 -8.46 -13.65
N TYR E 118 -0.66 -8.13 -14.66
CA TYR E 118 -1.04 -9.15 -15.63
C TYR E 118 0.15 -9.48 -16.53
N MET E 119 0.13 -10.70 -17.06
CA MET E 119 1.24 -11.24 -17.82
C MET E 119 0.92 -11.10 -19.31
N ASP E 120 1.72 -10.28 -20.01
CA ASP E 120 1.41 -9.97 -21.40
C ASP E 120 2.13 -10.87 -22.40
N VAL E 121 3.40 -11.16 -22.17
CA VAL E 121 4.22 -11.95 -23.09
C VAL E 121 4.47 -13.31 -22.48
N TRP E 122 4.15 -14.36 -23.23
CA TRP E 122 4.29 -15.74 -22.78
C TRP E 122 5.27 -16.49 -23.68
N GLY E 123 6.12 -17.29 -23.05
CA GLY E 123 6.98 -18.20 -23.80
C GLY E 123 6.13 -19.26 -24.47
N GLN E 124 6.80 -20.10 -25.27
CA GLN E 124 6.09 -21.15 -25.99
C GLN E 124 5.78 -22.37 -25.11
N GLY E 125 6.38 -22.46 -23.94
CA GLY E 125 6.16 -23.61 -23.09
C GLY E 125 7.25 -24.66 -23.24
N THR E 126 7.54 -25.35 -22.14
CA THR E 126 8.48 -26.46 -22.12
C THR E 126 7.79 -27.65 -21.50
N LEU E 127 7.73 -28.77 -22.22
CA LEU E 127 7.07 -29.96 -21.68
C LEU E 127 8.07 -30.72 -20.82
N VAL E 128 7.74 -30.88 -19.54
CA VAL E 128 8.54 -31.64 -18.60
C VAL E 128 7.73 -32.84 -18.18
N THR E 129 8.28 -34.04 -18.39
CA THR E 129 7.62 -35.30 -18.05
C THR E 129 8.47 -36.02 -17.01
N VAL E 130 7.82 -36.46 -15.94
CA VAL E 130 8.47 -37.20 -14.86
C VAL E 130 7.87 -38.59 -14.84
N SER E 131 8.70 -39.61 -15.04
CA SER E 131 8.22 -40.98 -15.08
C SER E 131 9.38 -41.92 -14.84
N SER E 132 9.07 -43.22 -14.80
CA SER E 132 10.10 -44.24 -14.64
C SER E 132 10.03 -45.26 -15.78
N SER F 3 -5.32 -19.96 4.14
CA SER F 3 -3.96 -19.34 4.04
C SER F 3 -3.89 -18.37 2.87
N SER F 4 -4.16 -18.87 1.67
CA SER F 4 -4.09 -18.07 0.45
C SER F 4 -5.49 -17.71 -0.03
N TYR F 5 -5.54 -16.70 -0.89
CA TYR F 5 -6.81 -16.19 -1.40
C TYR F 5 -7.36 -17.12 -2.47
N GLU F 6 -8.64 -17.41 -2.38
CA GLU F 6 -9.30 -18.37 -3.25
C GLU F 6 -10.11 -17.65 -4.33
N LEU F 7 -9.97 -18.11 -5.58
CA LEU F 7 -10.81 -17.69 -6.69
C LEU F 7 -11.61 -18.87 -7.18
N THR F 8 -12.92 -18.68 -7.35
CA THR F 8 -13.83 -19.75 -7.73
C THR F 8 -14.49 -19.41 -9.05
N GLN F 9 -14.20 -20.20 -10.07
CA GLN F 9 -14.88 -20.10 -11.34
C GLN F 9 -15.68 -21.37 -11.60
N PRO F 10 -16.80 -21.26 -12.31
CA PRO F 10 -17.50 -22.45 -12.78
C PRO F 10 -16.67 -23.19 -13.81
N PRO F 11 -16.58 -24.51 -13.73
CA PRO F 11 -15.76 -25.25 -14.71
C PRO F 11 -16.15 -25.01 -16.16
N SER F 12 -17.43 -24.81 -16.45
CA SER F 12 -17.87 -24.75 -17.84
C SER F 12 -19.11 -23.89 -17.99
N VAL F 13 -19.25 -23.34 -19.19
CA VAL F 13 -20.38 -22.50 -19.55
C VAL F 13 -20.80 -22.88 -20.97
N SER F 14 -22.08 -23.06 -21.17
CA SER F 14 -22.67 -23.24 -22.49
C SER F 14 -23.33 -21.95 -22.92
N VAL F 15 -23.15 -21.59 -24.18
CA VAL F 15 -23.73 -20.34 -24.68
C VAL F 15 -24.14 -20.52 -26.13
N ALA F 16 -25.41 -20.24 -26.42
CA ALA F 16 -25.89 -20.27 -27.79
C ALA F 16 -25.15 -19.22 -28.60
N PRO F 17 -24.95 -19.46 -29.90
CA PRO F 17 -24.18 -18.50 -30.71
C PRO F 17 -24.91 -17.17 -30.79
N GLY F 18 -24.14 -16.09 -30.73
CA GLY F 18 -24.69 -14.76 -30.80
C GLY F 18 -25.30 -14.25 -29.52
N ARG F 19 -25.40 -15.08 -28.49
CA ARG F 19 -25.87 -14.66 -27.18
C ARG F 19 -24.68 -14.21 -26.34
N THR F 20 -24.96 -13.87 -25.09
CA THR F 20 -23.95 -13.36 -24.17
C THR F 20 -23.42 -14.49 -23.29
N ALA F 21 -22.10 -14.60 -23.19
CA ALA F 21 -21.46 -15.54 -22.30
C ALA F 21 -21.05 -14.78 -21.03
N THR F 22 -21.35 -15.36 -19.87
CA THR F 22 -21.05 -14.77 -18.57
C THR F 22 -20.21 -15.74 -17.77
N ILE F 23 -19.01 -15.32 -17.40
CA ILE F 23 -18.07 -16.14 -16.63
C ILE F 23 -17.78 -15.42 -15.33
N THR F 24 -18.20 -16.00 -14.20
CA THR F 24 -17.93 -15.40 -12.91
C THR F 24 -16.61 -15.88 -12.31
N CYS F 25 -16.05 -15.03 -11.46
CA CYS F 25 -14.85 -15.31 -10.69
C CYS F 25 -15.14 -14.74 -9.32
N GLU F 26 -15.40 -15.61 -8.35
CA GLU F 26 -15.90 -15.19 -7.05
C GLU F 26 -14.81 -15.35 -5.99
N GLY F 27 -14.79 -14.41 -5.06
CA GLY F 27 -13.85 -14.44 -3.97
C GLY F 27 -14.32 -13.50 -2.89
N ASP F 28 -13.84 -13.75 -1.67
N ASP F 28 -13.83 -13.75 -1.67
CA ASP F 28 -14.19 -12.91 -0.53
CA ASP F 28 -14.17 -12.91 -0.53
C ASP F 28 -13.78 -11.47 -0.80
C ASP F 28 -13.78 -11.47 -0.81
N ASN F 29 -14.77 -10.60 -1.02
CA ASN F 29 -14.53 -9.19 -1.33
C ASN F 29 -13.51 -9.04 -2.46
N ILE F 30 -13.73 -9.78 -3.55
CA ILE F 30 -12.82 -9.72 -4.70
C ILE F 30 -12.82 -8.34 -5.32
N GLY F 31 -13.82 -7.51 -5.01
CA GLY F 31 -13.80 -6.14 -5.48
C GLY F 31 -12.64 -5.33 -4.95
N GLN F 32 -11.98 -5.81 -3.89
CA GLN F 32 -10.77 -5.15 -3.41
C GLN F 32 -9.54 -5.54 -4.21
N GLN F 33 -9.64 -6.58 -5.03
CA GLN F 33 -8.52 -7.08 -5.82
C GLN F 33 -8.61 -6.53 -7.24
N ILE F 34 -7.49 -6.62 -7.95
CA ILE F 34 -7.41 -6.29 -9.37
C ILE F 34 -7.43 -7.60 -10.14
N VAL F 35 -8.47 -7.81 -10.94
CA VAL F 35 -8.67 -9.09 -11.62
C VAL F 35 -8.27 -8.96 -13.09
N HIS F 36 -7.50 -9.93 -13.57
CA HIS F 36 -7.16 -10.07 -14.97
C HIS F 36 -7.72 -11.39 -15.49
N TRP F 37 -7.96 -11.43 -16.80
CA TRP F 37 -8.55 -12.60 -17.45
C TRP F 37 -7.73 -13.00 -18.66
N TYR F 38 -7.56 -14.32 -18.82
CA TYR F 38 -6.78 -14.87 -19.92
C TYR F 38 -7.61 -15.89 -20.67
N GLN F 39 -7.51 -15.87 -21.99
CA GLN F 39 -8.09 -16.88 -22.86
C GLN F 39 -7.00 -17.88 -23.22
N GLN F 40 -7.37 -19.16 -23.30
CA GLN F 40 -6.41 -20.16 -23.75
C GLN F 40 -7.11 -21.19 -24.63
N LYS F 41 -6.60 -21.39 -25.79
CA LYS F 41 -7.12 -22.40 -26.68
C LYS F 41 -6.22 -23.62 -26.64
N PRO F 42 -6.78 -24.80 -26.91
CA PRO F 42 -6.04 -26.06 -26.72
C PRO F 42 -4.74 -26.08 -27.52
N GLY F 43 -3.66 -26.42 -26.85
CA GLY F 43 -2.37 -26.52 -27.50
C GLY F 43 -1.65 -25.20 -27.66
N GLN F 44 -2.21 -24.10 -27.16
CA GLN F 44 -1.63 -22.78 -27.28
C GLN F 44 -1.39 -22.20 -25.90
N ALA F 45 -0.58 -21.15 -25.86
CA ALA F 45 -0.32 -20.42 -24.64
C ALA F 45 -1.48 -19.48 -24.31
N PRO F 46 -1.62 -19.08 -23.04
CA PRO F 46 -2.68 -18.14 -22.69
C PRO F 46 -2.48 -16.78 -23.35
N VAL F 47 -3.58 -16.04 -23.45
CA VAL F 47 -3.57 -14.68 -23.98
C VAL F 47 -4.43 -13.82 -23.07
N ALA F 48 -3.90 -12.68 -22.65
CA ALA F 48 -4.67 -11.79 -21.80
C ALA F 48 -5.76 -11.09 -22.61
N VAL F 49 -7.00 -11.18 -22.13
CA VAL F 49 -8.11 -10.50 -22.79
C VAL F 49 -8.66 -9.35 -21.96
N ILE F 50 -8.53 -9.39 -20.64
CA ILE F 50 -8.97 -8.30 -19.77
C ILE F 50 -7.89 -8.09 -18.73
N SER F 51 -7.48 -6.84 -18.53
CA SER F 51 -6.55 -6.47 -17.48
C SER F 51 -7.21 -5.42 -16.60
N SER F 52 -6.83 -5.42 -15.32
CA SER F 52 -7.29 -4.41 -14.38
C SER F 52 -8.82 -4.31 -14.36
N ASP F 53 -9.46 -5.45 -14.13
CA ASP F 53 -10.90 -5.55 -13.97
C ASP F 53 -11.68 -5.37 -15.28
N SER F 54 -11.30 -4.36 -16.08
CA SER F 54 -12.19 -3.95 -17.17
C SER F 54 -11.49 -3.38 -18.40
N ASP F 55 -10.16 -3.40 -18.46
CA ASP F 55 -9.43 -2.86 -19.60
C ASP F 55 -9.14 -3.95 -20.62
N ARG F 56 -9.16 -3.58 -21.89
N ARG F 56 -9.17 -3.58 -21.89
CA ARG F 56 -8.89 -4.51 -22.98
CA ARG F 56 -8.89 -4.51 -22.98
C ARG F 56 -7.49 -4.25 -23.53
C ARG F 56 -7.48 -4.25 -23.51
N PRO F 57 -6.58 -5.23 -23.51
CA PRO F 57 -5.30 -5.04 -24.19
C PRO F 57 -5.53 -4.72 -25.66
N SER F 58 -4.54 -4.08 -26.27
CA SER F 58 -4.65 -3.73 -27.67
C SER F 58 -4.94 -4.99 -28.49
N GLY F 59 -5.85 -4.86 -29.45
CA GLY F 59 -6.18 -5.95 -30.34
C GLY F 59 -7.26 -6.89 -29.87
N ILE F 60 -7.68 -6.80 -28.62
CA ILE F 60 -8.74 -7.67 -28.11
C ILE F 60 -10.09 -7.09 -28.54
N PRO F 61 -10.98 -7.89 -29.12
CA PRO F 61 -12.24 -7.34 -29.64
C PRO F 61 -13.05 -6.67 -28.53
N GLU F 62 -13.92 -5.75 -28.96
CA GLU F 62 -14.73 -5.00 -28.00
C GLU F 62 -15.73 -5.90 -27.27
N ARG F 63 -16.14 -7.02 -27.88
CA ARG F 63 -17.16 -7.84 -27.25
C ARG F 63 -16.72 -8.47 -25.94
N PHE F 64 -15.43 -8.42 -25.62
CA PHE F 64 -14.95 -8.84 -24.31
C PHE F 64 -14.99 -7.64 -23.37
N SER F 65 -15.60 -7.83 -22.20
CA SER F 65 -15.64 -6.79 -21.19
C SER F 65 -15.63 -7.44 -19.82
N GLY F 66 -15.26 -6.66 -18.81
CA GLY F 66 -15.14 -7.19 -17.47
C GLY F 66 -15.66 -6.21 -16.43
N SER F 67 -16.03 -6.76 -15.28
CA SER F 67 -16.42 -5.95 -14.13
C SER F 67 -16.01 -6.68 -12.86
N ASN F 68 -15.92 -5.93 -11.76
CA ASN F 68 -15.53 -6.50 -10.48
C ASN F 68 -16.13 -5.64 -9.38
N SER F 69 -17.01 -6.24 -8.58
CA SER F 69 -17.62 -5.53 -7.45
CA SER F 69 -17.62 -5.54 -7.46
C SER F 69 -18.06 -6.55 -6.42
N GLY F 70 -17.87 -6.21 -5.15
CA GLY F 70 -18.30 -7.06 -4.07
C GLY F 70 -17.57 -8.38 -4.06
N ASN F 71 -18.33 -9.48 -4.15
CA ASN F 71 -17.76 -10.82 -4.08
C ASN F 71 -17.69 -11.50 -5.44
N THR F 72 -17.91 -10.77 -6.53
CA THR F 72 -17.94 -11.37 -7.86
C THR F 72 -17.29 -10.45 -8.89
N ALA F 73 -16.30 -10.98 -9.60
CA ALA F 73 -15.78 -10.39 -10.83
C ALA F 73 -16.32 -11.21 -12.00
N THR F 74 -16.54 -10.56 -13.13
CA THR F 74 -17.27 -11.18 -14.22
C THR F 74 -16.64 -10.85 -15.54
N LEU F 75 -16.40 -11.87 -16.36
CA LEU F 75 -16.02 -11.69 -17.75
C LEU F 75 -17.27 -11.94 -18.59
N THR F 76 -17.57 -11.00 -19.48
CA THR F 76 -18.75 -11.06 -20.35
C THR F 76 -18.29 -11.02 -21.80
N ILE F 77 -18.75 -11.97 -22.60
CA ILE F 77 -18.48 -12.00 -24.03
C ILE F 77 -19.82 -11.79 -24.72
N SER F 78 -20.01 -10.59 -25.28
CA SER F 78 -21.23 -10.28 -25.99
C SER F 78 -21.18 -10.82 -27.41
N ARG F 79 -22.36 -11.08 -27.97
CA ARG F 79 -22.50 -11.57 -29.34
C ARG F 79 -21.42 -12.59 -29.66
N VAL F 80 -21.43 -13.66 -28.86
CA VAL F 80 -20.34 -14.62 -28.88
C VAL F 80 -20.23 -15.27 -30.25
N GLU F 81 -19.03 -15.75 -30.55
CA GLU F 81 -18.75 -16.38 -31.84
C GLU F 81 -18.06 -17.71 -31.61
N ALA F 82 -18.08 -18.57 -32.64
CA ALA F 82 -17.51 -19.90 -32.49
C ALA F 82 -16.07 -19.84 -32.02
N GLY F 83 -15.29 -18.91 -32.56
CA GLY F 83 -13.88 -18.80 -32.20
C GLY F 83 -13.62 -18.37 -30.78
N ASP F 84 -14.66 -17.94 -30.06
CA ASP F 84 -14.50 -17.60 -28.65
C ASP F 84 -14.54 -18.85 -27.77
N GLU F 85 -14.82 -20.02 -28.34
CA GLU F 85 -14.77 -21.26 -27.58
C GLU F 85 -13.34 -21.51 -27.10
N ALA F 86 -13.17 -21.55 -25.78
CA ALA F 86 -11.85 -21.70 -25.19
C ALA F 86 -11.98 -21.79 -23.67
N ASP F 87 -10.86 -21.96 -22.99
CA ASP F 87 -10.80 -21.79 -21.54
C ASP F 87 -10.51 -20.34 -21.19
N TYR F 88 -11.08 -19.90 -20.07
CA TYR F 88 -10.85 -18.56 -19.54
C TYR F 88 -10.48 -18.65 -18.07
N TYR F 89 -9.39 -17.99 -17.70
CA TYR F 89 -8.92 -17.97 -16.33
C TYR F 89 -8.95 -16.55 -15.81
N CYS F 90 -9.51 -16.36 -14.62
CA CYS F 90 -9.28 -15.11 -13.90
C CYS F 90 -8.00 -15.23 -13.07
N GLN F 91 -7.45 -14.07 -12.71
CA GLN F 91 -6.19 -14.03 -11.99
C GLN F 91 -6.10 -12.77 -11.16
N VAL F 92 -5.53 -12.90 -9.97
CA VAL F 92 -5.22 -11.76 -9.11
C VAL F 92 -3.84 -11.97 -8.51
N TRP F 93 -3.26 -10.88 -8.03
CA TRP F 93 -2.12 -10.93 -7.14
C TRP F 93 -2.64 -10.63 -5.74
N ASP F 94 -2.40 -11.57 -4.82
N ASP F 94 -2.41 -11.57 -4.82
CA ASP F 94 -2.82 -11.43 -3.42
CA ASP F 94 -2.84 -11.39 -3.43
C ASP F 94 -1.61 -10.93 -2.64
C ASP F 94 -1.63 -10.92 -2.63
N SER F 95 -1.56 -9.62 -2.40
CA SER F 95 -0.43 -9.06 -1.67
C SER F 95 -0.33 -9.61 -0.26
N GLY F 96 -1.44 -10.02 0.33
CA GLY F 96 -1.38 -10.55 1.67
C GLY F 96 -0.47 -11.77 1.78
N SER F 97 -0.54 -12.65 0.79
CA SER F 97 0.20 -13.92 0.82
C SER F 97 1.34 -13.95 -0.18
N ASP F 98 1.51 -12.90 -0.99
CA ASP F 98 2.57 -12.86 -2.00
C ASP F 98 2.41 -13.98 -3.02
N HIS F 99 1.19 -14.15 -3.53
CA HIS F 99 0.88 -15.18 -4.51
C HIS F 99 0.09 -14.59 -5.66
N VAL F 100 0.51 -14.93 -6.87
CA VAL F 100 -0.39 -14.88 -8.02
C VAL F 100 -1.31 -16.08 -7.90
N VAL F 101 -2.62 -15.85 -8.00
CA VAL F 101 -3.63 -16.90 -7.91
C VAL F 101 -4.40 -16.92 -9.21
N PHE F 102 -4.56 -18.10 -9.78
CA PHE F 102 -5.45 -18.33 -10.92
C PHE F 102 -6.72 -18.99 -10.43
N GLY F 103 -7.86 -18.58 -10.97
CA GLY F 103 -9.05 -19.40 -10.87
C GLY F 103 -8.81 -20.72 -11.57
N GLY F 104 -9.76 -21.64 -11.38
CA GLY F 104 -9.61 -22.96 -11.96
C GLY F 104 -9.86 -23.02 -13.45
N GLY F 105 -10.34 -21.94 -14.04
CA GLY F 105 -10.64 -21.89 -15.46
C GLY F 105 -12.06 -22.30 -15.76
N THR F 106 -12.61 -21.69 -16.81
CA THR F 106 -13.96 -21.97 -17.27
C THR F 106 -13.92 -22.24 -18.77
N LYS F 107 -14.34 -23.43 -19.19
CA LYS F 107 -14.46 -23.75 -20.60
C LYS F 107 -15.77 -23.17 -21.13
N VAL F 108 -15.67 -22.27 -22.11
CA VAL F 108 -16.84 -21.74 -22.79
C VAL F 108 -17.06 -22.60 -24.03
N THR F 109 -18.23 -23.22 -24.11
CA THR F 109 -18.62 -24.00 -25.28
C THR F 109 -19.72 -23.25 -26.01
N VAL F 110 -19.54 -23.05 -27.31
CA VAL F 110 -20.50 -22.35 -28.14
C VAL F 110 -21.32 -23.38 -28.91
N LEU F 111 -22.62 -23.39 -28.67
CA LEU F 111 -23.47 -24.41 -29.26
C LEU F 111 -23.65 -24.17 -30.75
N GLU F 112 -24.02 -25.25 -31.46
CA GLU F 112 -24.30 -25.14 -32.88
C GLU F 112 -25.65 -24.51 -33.15
N ASN F 113 -26.61 -24.70 -32.25
CA ASN F 113 -27.97 -24.24 -32.47
C ASN F 113 -28.50 -23.55 -31.22
N LEU F 114 -29.44 -22.62 -31.44
CA LEU F 114 -30.18 -22.04 -30.34
C LEU F 114 -31.04 -23.11 -29.67
N TYR F 115 -31.34 -22.89 -28.39
CA TYR F 115 -32.30 -23.77 -27.72
C TYR F 115 -33.68 -23.63 -28.34
N PHE F 116 -34.16 -22.38 -28.49
CA PHE F 116 -35.48 -22.11 -29.01
C PHE F 116 -35.42 -20.86 -29.88
N GLN F 117 -36.28 -20.86 -30.91
CA GLN F 117 -36.34 -19.73 -31.84
C GLN F 117 -37.07 -18.55 -31.20
CL CL G . 9.40 17.58 -10.85
C1 GOL H . -33.19 7.68 0.02
O1 GOL H . -32.95 7.11 1.29
C2 GOL H . -33.01 9.19 0.07
O2 GOL H . -31.65 9.49 0.32
C3 GOL H . -33.47 9.83 -1.23
O3 GOL H . -33.13 8.94 -2.28
H11 GOL H . -32.57 7.32 -0.64
H12 GOL H . -34.08 7.49 -0.29
HO1 GOL H . -33.58 6.55 1.45
H2 GOL H . -33.57 9.51 0.79
HO2 GOL H . -31.49 9.31 1.13
H31 GOL H . -33.05 10.69 -1.34
H32 GOL H . -34.43 9.98 -1.19
HO3 GOL H . -33.74 8.99 -2.87
C TRS I . -33.10 1.76 -12.79
C1 TRS I . -32.21 1.02 -11.76
C2 TRS I . -34.56 1.55 -12.49
C3 TRS I . -32.80 1.46 -14.24
N TRS I . -32.90 3.24 -12.69
O1 TRS I . -31.36 0.12 -12.43
O2 TRS I . -35.06 2.60 -11.72
O3 TRS I . -33.70 2.16 -15.08
H11 TRS I . -32.79 0.56 -11.13
H12 TRS I . -31.71 1.68 -11.25
H21 TRS I . -34.66 0.70 -12.03
H22 TRS I . -35.04 1.48 -13.33
H31 TRS I . -32.87 0.49 -14.37
H32 TRS I . -31.88 1.70 -14.42
HN1 TRS I . -33.23 3.57 -11.92
HN2 TRS I . -33.32 3.68 -13.34
HN3 TRS I . -32.04 3.47 -12.72
HO1 TRS I . -31.29 -0.59 -11.98
HO2 TRS I . -35.85 2.40 -11.46
HO3 TRS I . -34.18 1.61 -15.50
S SO4 J . -17.06 8.20 33.67
O1 SO4 J . -17.22 6.84 33.05
O2 SO4 J . -18.07 9.13 33.06
O3 SO4 J . -17.28 8.12 35.16
O4 SO4 J . -15.68 8.74 33.41
C1 GOL K . 8.44 26.16 17.84
O1 GOL K . 9.13 27.39 17.76
C2 GOL K . 7.11 26.34 18.53
O2 GOL K . 7.30 27.01 19.77
C3 GOL K . 6.15 27.12 17.66
O3 GOL K . 4.85 26.87 18.12
H11 GOL K . 8.96 25.50 18.33
H12 GOL K . 8.28 25.80 16.96
HO1 GOL K . 9.72 27.30 17.16
H2 GOL K . 6.74 25.45 18.68
HO2 GOL K . 6.74 26.70 20.32
H31 GOL K . 6.27 26.85 16.72
H32 GOL K . 6.38 28.07 17.70
HO3 GOL K . 4.31 27.00 17.48
NA NA L . 18.16 23.14 10.73
C1 GOL M . -9.19 -12.69 -29.14
O1 GOL M . -10.56 -12.99 -29.31
C2 GOL M . -8.38 -13.93 -29.41
O2 GOL M . -8.10 -14.05 -30.79
C3 GOL M . -7.09 -13.90 -28.59
O3 GOL M . -6.34 -12.78 -29.01
H11 GOL M . -9.01 -12.37 -28.24
H12 GOL M . -8.91 -11.98 -29.74
H2 GOL M . -8.91 -14.69 -29.12
HO2 GOL M . -7.42 -14.55 -30.89
H31 GOL M . -6.60 -14.72 -28.74
H32 GOL M . -7.31 -13.85 -27.66
HO3 GOL M . -6.39 -12.70 -29.86
C1 GOL N . -11.87 -26.59 -16.53
O1 GOL N . -13.02 -25.99 -17.07
C2 GOL N . -10.67 -26.29 -17.40
O2 GOL N . -10.66 -24.89 -17.65
C3 GOL N . -9.43 -26.78 -16.67
O3 GOL N . -8.53 -27.29 -17.64
H11 GOL N . -11.69 -26.26 -15.63
H12 GOL N . -11.96 -27.56 -16.46
H2 GOL N . -10.71 -26.76 -18.24
HO2 GOL N . -11.34 -24.71 -18.14
H31 GOL N . -9.03 -26.04 -16.18
H32 GOL N . -9.67 -27.45 -16.02
HO3 GOL N . -8.43 -28.11 -17.50
#